data_5TMX
#
_entry.id   5TMX
#
_entity_poly.entity_id   1
_entity_poly.type   'polypeptide(L)'
_entity_poly.pdbx_seq_one_letter_code
;GSHMASMKNAKQEHFELDQEWVELMVEAKEANISPEEIRKYLLLNKKSAHPGPAARSHTVNPF
;
_entity_poly.pdbx_strand_id   A,B
#
# COMPACT_ATOMS: atom_id res chain seq x y z
N GLY A 1 17.87 17.48 43.56
CA GLY A 1 17.92 16.18 42.87
C GLY A 1 19.18 16.03 42.02
N SER A 2 19.67 14.79 41.86
CA SER A 2 20.85 14.47 41.03
C SER A 2 20.57 14.60 39.53
N HIS A 3 21.61 14.92 38.74
CA HIS A 3 21.54 14.99 37.29
C HIS A 3 21.30 13.61 36.63
N MET A 4 20.61 13.60 35.47
CA MET A 4 20.39 12.44 34.62
C MET A 4 20.30 12.87 33.13
N ALA A 5 20.87 12.05 32.23
CA ALA A 5 20.86 12.29 30.79
C ALA A 5 19.46 12.20 30.15
N SER A 6 19.25 12.92 29.05
CA SER A 6 18.01 12.94 28.25
C SER A 6 18.26 13.35 26.80
N MET A 7 17.32 13.01 25.89
CA MET A 7 17.41 13.35 24.46
C MET A 7 17.21 14.87 24.24
N LYS A 8 18.02 15.48 23.36
CA LYS A 8 18.05 16.93 23.09
C LYS A 8 16.82 17.47 22.35
N ASN A 9 15.94 16.61 21.82
CA ASN A 9 14.75 16.96 21.05
C ASN A 9 13.57 16.01 21.35
N ALA A 10 12.34 16.48 21.14
CA ALA A 10 11.11 15.70 21.29
C ALA A 10 10.91 14.67 20.15
N LYS A 11 10.18 13.59 20.44
CA LYS A 11 9.76 12.58 19.46
C LYS A 11 8.72 13.13 18.47
N GLN A 12 8.71 12.59 17.24
CA GLN A 12 7.77 12.92 16.17
C GLN A 12 7.02 11.68 15.66
N GLU A 13 5.88 11.90 14.99
CA GLU A 13 5.09 10.84 14.33
C GLU A 13 5.66 10.44 12.94
N HIS A 14 6.73 11.08 12.50
CA HIS A 14 7.43 10.83 11.24
C HIS A 14 8.49 9.71 11.38
N PHE A 15 8.52 8.75 10.45
CA PHE A 15 9.46 7.62 10.46
C PHE A 15 10.00 7.29 9.06
N GLU A 16 11.23 6.76 9.00
CA GLU A 16 11.91 6.40 7.75
C GLU A 16 11.38 5.09 7.14
N LEU A 17 10.99 5.13 5.86
CA LEU A 17 10.66 3.97 5.02
C LEU A 17 10.74 4.36 3.53
N ASP A 18 11.07 3.42 2.65
CA ASP A 18 11.09 3.62 1.20
C ASP A 18 10.89 2.32 0.39
N GLN A 19 11.90 1.46 0.32
CA GLN A 19 11.97 0.40 -0.69
C GLN A 19 11.07 -0.82 -0.41
N GLU A 20 10.59 -1.01 0.83
CA GLU A 20 9.59 -2.05 1.13
C GLU A 20 8.28 -1.78 0.36
N TRP A 21 7.87 -0.50 0.31
CA TRP A 21 6.62 -0.06 -0.31
C TRP A 21 6.60 -0.20 -1.83
N VAL A 22 7.72 0.02 -2.53
CA VAL A 22 7.81 -0.27 -3.98
C VAL A 22 7.87 -1.79 -4.24
N GLU A 23 8.60 -2.54 -3.41
CA GLU A 23 8.77 -4.00 -3.58
C GLU A 23 7.46 -4.77 -3.37
N LEU A 24 6.69 -4.44 -2.33
CA LEU A 24 5.38 -5.05 -2.09
C LEU A 24 4.37 -4.68 -3.19
N MET A 25 4.37 -3.43 -3.68
CA MET A 25 3.36 -2.92 -4.62
C MET A 25 3.39 -3.65 -5.97
N VAL A 26 4.57 -3.91 -6.52
CA VAL A 26 4.72 -4.59 -7.81
C VAL A 26 4.16 -6.02 -7.77
N GLU A 27 4.42 -6.76 -6.68
CA GLU A 27 3.95 -8.14 -6.51
C GLU A 27 2.48 -8.24 -6.05
N ALA A 28 2.01 -7.31 -5.22
CA ALA A 28 0.65 -7.29 -4.67
C ALA A 28 -0.45 -7.20 -5.75
N LYS A 29 -0.17 -6.53 -6.87
CA LYS A 29 -1.07 -6.46 -8.04
C LYS A 29 -1.21 -7.81 -8.76
N GLU A 30 -0.11 -8.55 -8.92
CA GLU A 30 -0.09 -9.87 -9.56
C GLU A 30 -0.68 -10.97 -8.66
N ALA A 31 -0.42 -10.89 -7.35
CA ALA A 31 -0.97 -11.79 -6.33
C ALA A 31 -2.42 -11.45 -5.91
N ASN A 32 -2.89 -10.25 -6.27
CA ASN A 32 -4.17 -9.66 -5.88
C ASN A 32 -4.39 -9.62 -4.35
N ILE A 33 -3.42 -9.04 -3.62
CA ILE A 33 -3.62 -8.60 -2.23
C ILE A 33 -4.66 -7.46 -2.18
N SER A 34 -5.32 -7.25 -1.05
CA SER A 34 -6.28 -6.17 -0.81
C SER A 34 -5.60 -4.79 -0.63
N PRO A 35 -5.78 -3.81 -1.56
CA PRO A 35 -5.35 -2.42 -1.34
C PRO A 35 -6.23 -1.68 -0.32
N GLU A 36 -7.51 -2.08 -0.19
CA GLU A 36 -8.49 -1.36 0.63
C GLU A 36 -8.06 -1.28 2.12
N GLU A 37 -7.44 -2.34 2.65
CA GLU A 37 -6.94 -2.39 4.04
C GLU A 37 -5.94 -1.27 4.32
N ILE A 38 -5.04 -0.98 3.38
CA ILE A 38 -4.09 0.13 3.47
C ILE A 38 -4.81 1.45 3.22
N ARG A 39 -5.60 1.57 2.14
CA ARG A 39 -6.22 2.85 1.77
C ARG A 39 -7.20 3.37 2.84
N LYS A 40 -7.95 2.50 3.52
CA LYS A 40 -8.86 2.89 4.62
C LYS A 40 -8.13 3.27 5.92
N TYR A 41 -7.02 2.58 6.23
CA TYR A 41 -6.10 2.93 7.32
C TYR A 41 -5.48 4.31 7.05
N LEU A 42 -4.89 4.48 5.86
CA LEU A 42 -4.32 5.72 5.34
C LEU A 42 -5.29 6.91 5.32
N LEU A 43 -6.56 6.70 4.96
CA LEU A 43 -7.59 7.74 4.92
C LEU A 43 -7.85 8.37 6.31
N LEU A 44 -7.82 7.56 7.37
CA LEU A 44 -7.79 8.04 8.76
C LEU A 44 -6.43 8.65 9.09
N ASN A 45 -5.36 7.90 8.81
CA ASN A 45 -4.01 8.16 9.34
C ASN A 45 -3.20 9.18 8.51
N LYS A 46 -3.83 10.27 8.05
CA LYS A 46 -3.17 11.44 7.43
C LYS A 46 -2.45 12.29 8.49
N LYS A 47 -1.46 11.65 9.15
CA LYS A 47 -0.76 12.10 10.37
C LYS A 47 0.16 13.30 10.17
N SER A 48 0.55 13.92 11.29
CA SER A 48 1.59 14.96 11.39
C SER A 48 2.09 15.08 12.84
N ALA A 49 3.34 15.50 13.04
CA ALA A 49 3.90 15.76 14.38
C ALA A 49 3.26 16.99 15.08
N HIS A 50 3.34 17.03 16.41
CA HIS A 50 2.77 18.11 17.23
C HIS A 50 3.50 19.46 16.99
N PRO A 51 2.78 20.59 16.79
CA PRO A 51 3.39 21.90 16.53
C PRO A 51 4.04 22.55 17.77
N GLY A 52 4.85 23.58 17.55
CA GLY A 52 5.41 24.42 18.62
C GLY A 52 4.37 25.35 19.29
N PRO A 53 4.67 25.91 20.48
CA PRO A 53 3.78 26.82 21.20
C PRO A 53 3.62 28.18 20.50
N ALA A 54 2.48 28.85 20.73
CA ALA A 54 2.18 30.17 20.17
C ALA A 54 2.99 31.32 20.81
N ALA A 55 3.42 31.15 22.06
CA ALA A 55 4.24 32.10 22.85
C ALA A 55 3.64 33.52 23.00
N ARG A 56 2.33 33.68 22.83
CA ARG A 56 1.59 34.96 22.96
C ARG A 56 1.50 35.43 24.42
N SER A 57 1.57 36.74 24.65
CA SER A 57 1.44 37.37 25.97
C SER A 57 0.05 37.14 26.60
N HIS A 58 0.00 37.05 27.94
CA HIS A 58 -1.22 36.83 28.72
C HIS A 58 -1.10 37.41 30.15
N THR A 59 -2.22 37.85 30.73
CA THR A 59 -2.31 38.33 32.12
C THR A 59 -3.74 38.16 32.66
N VAL A 60 -3.88 37.89 33.97
CA VAL A 60 -5.17 37.73 34.66
C VAL A 60 -5.68 39.10 35.14
N ASN A 61 -5.87 40.02 34.20
CA ASN A 61 -6.29 41.41 34.41
C ASN A 61 -7.21 41.91 33.27
N PRO A 62 -8.14 42.86 33.53
CA PRO A 62 -8.99 43.47 32.51
C PRO A 62 -8.21 44.38 31.54
N PHE A 63 -8.80 44.62 30.37
CA PHE A 63 -8.28 45.55 29.33
C PHE A 63 -8.36 47.03 29.76
N GLY B 1 -26.15 -6.43 -46.45
CA GLY B 1 -27.53 -6.33 -45.91
C GLY B 1 -27.76 -5.01 -45.19
N SER B 2 -28.72 -4.98 -44.25
CA SER B 2 -29.07 -3.80 -43.45
C SER B 2 -27.93 -3.32 -42.54
N HIS B 3 -27.88 -2.01 -42.27
CA HIS B 3 -26.90 -1.40 -41.36
C HIS B 3 -27.09 -1.84 -39.91
N MET B 4 -25.97 -1.96 -39.17
CA MET B 4 -25.92 -2.36 -37.74
C MET B 4 -24.63 -1.85 -37.08
N ALA B 5 -24.63 -1.78 -35.74
CA ALA B 5 -23.44 -1.41 -34.96
C ALA B 5 -22.33 -2.47 -35.05
N SER B 6 -21.07 -2.02 -35.19
CA SER B 6 -19.89 -2.89 -35.32
C SER B 6 -19.41 -3.47 -33.98
N MET B 7 -18.70 -4.59 -34.03
CA MET B 7 -18.07 -5.23 -32.86
C MET B 7 -16.84 -4.45 -32.37
N LYS B 8 -16.56 -4.38 -31.05
CA LYS B 8 -17.39 -4.81 -29.92
C LYS B 8 -18.56 -3.83 -29.68
N ASN B 9 -19.78 -4.38 -29.51
CA ASN B 9 -21.02 -3.61 -29.51
C ASN B 9 -21.30 -2.81 -28.21
N ALA B 10 -20.57 -3.08 -27.12
CA ALA B 10 -20.70 -2.37 -25.84
C ALA B 10 -19.36 -2.26 -25.09
N LYS B 11 -19.10 -1.09 -24.50
CA LYS B 11 -17.94 -0.81 -23.63
C LYS B 11 -18.17 -1.34 -22.19
N GLN B 12 -17.09 -1.70 -21.49
CA GLN B 12 -17.05 -1.97 -20.05
C GLN B 12 -16.25 -0.87 -19.31
N GLU B 13 -16.61 -0.62 -18.04
CA GLU B 13 -16.11 0.53 -17.25
C GLU B 13 -15.12 0.15 -16.14
N HIS B 14 -14.55 -1.06 -16.16
CA HIS B 14 -13.58 -1.52 -15.16
C HIS B 14 -12.26 -0.73 -15.26
N PHE B 15 -11.84 -0.11 -14.15
CA PHE B 15 -10.61 0.69 -14.05
C PHE B 15 -9.35 -0.19 -13.88
N GLU B 16 -8.16 0.41 -14.00
CA GLU B 16 -6.88 -0.25 -13.72
C GLU B 16 -6.68 -0.49 -12.21
N LEU B 17 -6.29 -1.72 -11.83
CA LEU B 17 -5.91 -2.06 -10.45
C LEU B 17 -4.67 -1.26 -9.98
N ASP B 18 -3.76 -0.95 -10.91
CA ASP B 18 -2.53 -0.20 -10.64
C ASP B 18 -2.77 1.18 -10.02
N GLN B 19 -3.83 1.89 -10.41
CA GLN B 19 -4.04 3.28 -9.97
C GLN B 19 -4.52 3.43 -8.51
N GLU B 20 -5.09 2.38 -7.91
CA GLU B 20 -5.23 2.31 -6.45
C GLU B 20 -3.85 2.11 -5.80
N TRP B 21 -3.12 1.09 -6.26
CA TRP B 21 -1.84 0.65 -5.67
C TRP B 21 -0.71 1.68 -5.78
N VAL B 22 -0.66 2.48 -6.85
CA VAL B 22 0.35 3.52 -7.08
C VAL B 22 0.16 4.72 -6.15
N GLU B 23 -1.07 5.22 -5.98
CA GLU B 23 -1.36 6.27 -4.99
C GLU B 23 -1.12 5.76 -3.56
N LEU B 24 -1.61 4.56 -3.27
CA LEU B 24 -1.48 3.86 -1.99
C LEU B 24 0.00 3.68 -1.60
N MET B 25 0.85 3.21 -2.52
CA MET B 25 2.28 3.00 -2.28
C MET B 25 3.01 4.29 -1.87
N VAL B 26 2.76 5.39 -2.59
CA VAL B 26 3.38 6.69 -2.32
C VAL B 26 2.87 7.31 -1.01
N GLU B 27 1.56 7.29 -0.79
CA GLU B 27 0.93 7.91 0.39
C GLU B 27 1.15 7.10 1.69
N ALA B 28 1.09 5.77 1.63
CA ALA B 28 1.34 4.89 2.79
C ALA B 28 2.80 4.92 3.27
N LYS B 29 3.76 5.14 2.37
CA LYS B 29 5.17 5.41 2.69
C LYS B 29 5.32 6.67 3.54
N GLU B 30 4.67 7.77 3.16
CA GLU B 30 4.72 9.04 3.92
C GLU B 30 3.89 9.02 5.22
N ALA B 31 2.77 8.29 5.23
CA ALA B 31 1.94 8.10 6.42
C ALA B 31 2.49 7.05 7.40
N ASN B 32 3.42 6.20 6.96
CA ASN B 32 3.94 5.02 7.67
C ASN B 32 2.83 4.03 8.10
N ILE B 33 1.97 3.64 7.17
CA ILE B 33 1.11 2.44 7.33
C ILE B 33 2.01 1.18 7.32
N SER B 34 1.49 0.01 7.71
CA SER B 34 2.23 -1.26 7.75
C SER B 34 2.41 -1.93 6.37
N PRO B 35 3.62 -1.97 5.77
CA PRO B 35 3.91 -2.82 4.59
C PRO B 35 4.04 -4.30 4.95
N GLU B 36 4.33 -4.61 6.21
CA GLU B 36 4.51 -5.98 6.71
C GLU B 36 3.24 -6.83 6.53
N GLU B 37 2.04 -6.22 6.61
CA GLU B 37 0.75 -6.89 6.36
C GLU B 37 0.67 -7.46 4.94
N ILE B 38 1.09 -6.68 3.94
CA ILE B 38 1.09 -7.06 2.53
C ILE B 38 2.19 -8.08 2.27
N ARG B 39 3.41 -7.83 2.78
CA ARG B 39 4.56 -8.74 2.60
C ARG B 39 4.34 -10.12 3.23
N LYS B 40 3.82 -10.20 4.47
CA LYS B 40 3.51 -11.49 5.13
C LYS B 40 2.36 -12.24 4.45
N TYR B 41 1.35 -11.50 3.98
CA TYR B 41 0.22 -12.08 3.25
C TYR B 41 0.68 -12.64 1.89
N LEU B 42 1.43 -11.87 1.10
CA LEU B 42 2.03 -12.27 -0.18
C LEU B 42 2.89 -13.55 -0.10
N LEU B 43 3.65 -13.74 0.98
CA LEU B 43 4.48 -14.94 1.17
C LEU B 43 3.67 -16.25 1.30
N LEU B 44 2.41 -16.18 1.74
CA LEU B 44 1.45 -17.29 1.66
C LEU B 44 0.65 -17.26 0.34
N ASN B 45 0.13 -16.08 0.00
CA ASN B 45 -0.71 -15.77 -1.17
C ASN B 45 0.13 -15.62 -2.45
N LYS B 46 0.88 -16.66 -2.82
CA LYS B 46 1.66 -16.75 -4.09
C LYS B 46 0.78 -17.05 -5.31
N LYS B 47 -0.36 -16.35 -5.40
CA LYS B 47 -1.44 -16.55 -6.39
C LYS B 47 -1.17 -15.90 -7.74
N SER B 48 -2.03 -16.21 -8.72
CA SER B 48 -2.11 -15.61 -10.05
C SER B 48 -3.58 -15.45 -10.48
N ALA B 49 -3.84 -14.81 -11.63
CA ALA B 49 -5.19 -14.48 -12.11
C ALA B 49 -6.09 -15.72 -12.32
N HIS B 50 -7.38 -15.58 -12.00
CA HIS B 50 -8.40 -16.64 -12.07
C HIS B 50 -9.81 -16.03 -12.33
N PRO B 51 -10.78 -16.80 -12.86
CA PRO B 51 -12.17 -16.36 -13.00
C PRO B 51 -12.86 -16.21 -11.62
N GLY B 52 -14.01 -15.53 -11.60
CA GLY B 52 -14.80 -15.33 -10.38
C GLY B 52 -15.46 -16.62 -9.85
N PRO B 53 -15.61 -16.78 -8.52
CA PRO B 53 -16.26 -17.94 -7.91
C PRO B 53 -17.79 -17.95 -8.11
N ALA B 54 -18.40 -19.13 -8.01
CA ALA B 54 -19.86 -19.31 -8.02
C ALA B 54 -20.51 -18.81 -6.70
N ALA B 55 -21.82 -18.53 -6.75
CA ALA B 55 -22.63 -18.09 -5.61
C ALA B 55 -24.09 -18.57 -5.72
N ARG B 56 -24.79 -18.70 -4.58
CA ARG B 56 -26.17 -19.21 -4.49
C ARG B 56 -27.19 -18.43 -5.33
N SER B 57 -26.96 -17.12 -5.52
CA SER B 57 -27.81 -16.22 -6.31
C SER B 57 -27.76 -16.46 -7.83
N HIS B 58 -26.76 -17.17 -8.34
CA HIS B 58 -26.62 -17.46 -9.77
C HIS B 58 -27.68 -18.47 -10.28
N THR B 59 -28.22 -18.22 -11.47
CA THR B 59 -29.15 -19.11 -12.19
C THR B 59 -29.14 -18.81 -13.70
N VAL B 60 -29.53 -19.78 -14.53
CA VAL B 60 -29.69 -19.62 -15.99
C VAL B 60 -30.99 -18.87 -16.29
N ASN B 61 -30.92 -17.79 -17.08
CA ASN B 61 -32.09 -16.97 -17.45
C ASN B 61 -33.05 -17.72 -18.41
N PRO B 62 -34.37 -17.43 -18.37
CA PRO B 62 -35.35 -18.06 -19.29
C PRO B 62 -35.14 -17.73 -20.78
N PHE B 63 -34.49 -16.61 -21.09
CA PHE B 63 -34.21 -16.10 -22.45
C PHE B 63 -32.79 -15.53 -22.57
N GLY A 1 21.21 -1.29 19.77
CA GLY A 1 21.64 0.06 19.34
C GLY A 1 23.15 0.18 19.24
N SER A 2 23.67 1.40 19.23
CA SER A 2 25.10 1.72 19.08
C SER A 2 25.97 1.06 20.18
N HIS A 3 27.19 0.66 19.82
CA HIS A 3 28.14 -0.07 20.69
C HIS A 3 27.53 -1.35 21.32
N MET A 4 26.57 -1.97 20.62
CA MET A 4 25.74 -3.11 21.05
C MET A 4 24.95 -2.89 22.36
N ALA A 5 24.75 -1.63 22.78
CA ALA A 5 23.97 -1.27 23.95
C ALA A 5 22.44 -1.38 23.70
N SER A 6 21.67 -1.64 24.76
CA SER A 6 20.20 -1.63 24.74
C SER A 6 19.62 -0.21 24.74
N MET A 7 18.48 -0.02 24.07
CA MET A 7 17.78 1.26 23.98
C MET A 7 17.06 1.63 25.29
N LYS A 8 17.02 2.93 25.62
CA LYS A 8 16.25 3.48 26.74
C LYS A 8 14.74 3.46 26.45
N ASN A 9 13.91 3.15 27.45
CA ASN A 9 12.45 3.05 27.30
C ASN A 9 11.79 4.42 27.11
N ALA A 10 11.16 4.63 25.95
CA ALA A 10 10.47 5.88 25.57
C ALA A 10 9.41 5.62 24.48
N LYS A 11 8.54 6.61 24.22
CA LYS A 11 7.56 6.59 23.12
C LYS A 11 8.25 6.53 21.75
N GLN A 12 7.67 5.78 20.82
CA GLN A 12 8.25 5.45 19.51
C GLN A 12 7.20 5.47 18.37
N GLU A 13 6.28 6.45 18.40
CA GLU A 13 5.26 6.67 17.35
C GLU A 13 5.82 7.28 16.06
N HIS A 14 7.08 7.71 16.08
CA HIS A 14 7.89 8.05 14.91
C HIS A 14 8.53 6.81 14.27
N PHE A 15 8.62 6.82 12.94
CA PHE A 15 9.13 5.71 12.12
C PHE A 15 9.86 6.21 10.85
N GLU A 16 10.58 5.31 10.18
CA GLU A 16 11.25 5.55 8.89
C GLU A 16 11.16 4.32 7.97
N LEU A 17 11.30 4.52 6.65
CA LEU A 17 11.03 3.51 5.63
C LEU A 17 11.85 3.76 4.35
N ASP A 18 12.20 2.67 3.64
CA ASP A 18 13.00 2.69 2.41
C ASP A 18 12.56 1.56 1.45
N GLN A 19 11.89 1.93 0.35
CA GLN A 19 11.53 1.11 -0.82
C GLN A 19 10.67 -0.15 -0.61
N GLU A 20 10.33 -0.56 0.63
CA GLU A 20 9.45 -1.73 0.88
C GLU A 20 8.12 -1.61 0.15
N TRP A 21 7.56 -0.40 0.14
CA TRP A 21 6.32 -0.03 -0.54
C TRP A 21 6.35 -0.19 -2.06
N VAL A 22 7.53 -0.12 -2.70
CA VAL A 22 7.69 -0.42 -4.13
C VAL A 22 7.79 -1.93 -4.36
N GLU A 23 8.59 -2.62 -3.52
CA GLU A 23 8.81 -4.07 -3.62
C GLU A 23 7.55 -4.91 -3.35
N LEU A 24 6.72 -4.50 -2.37
CA LEU A 24 5.43 -5.14 -2.11
C LEU A 24 4.42 -4.84 -3.23
N MET A 25 4.40 -3.61 -3.76
CA MET A 25 3.37 -3.16 -4.71
C MET A 25 3.41 -3.91 -6.04
N VAL A 26 4.60 -4.11 -6.61
CA VAL A 26 4.76 -4.80 -7.90
C VAL A 26 4.32 -6.27 -7.83
N GLU A 27 4.53 -6.96 -6.70
CA GLU A 27 4.04 -8.32 -6.47
C GLU A 27 2.56 -8.36 -6.05
N ALA A 28 2.07 -7.38 -5.28
CA ALA A 28 0.69 -7.31 -4.80
C ALA A 28 -0.35 -7.19 -5.94
N LYS A 29 0.01 -6.54 -7.05
CA LYS A 29 -0.79 -6.51 -8.29
C LYS A 29 -0.93 -7.90 -8.93
N GLU A 30 0.17 -8.64 -9.03
CA GLU A 30 0.21 -9.98 -9.62
C GLU A 30 -0.50 -11.02 -8.73
N ALA A 31 -0.32 -10.91 -7.41
CA ALA A 31 -0.91 -11.78 -6.39
C ALA A 31 -2.37 -11.43 -6.03
N ASN A 32 -2.84 -10.23 -6.42
CA ASN A 32 -4.13 -9.66 -6.06
C ASN A 32 -4.38 -9.61 -4.53
N ILE A 33 -3.41 -9.06 -3.79
CA ILE A 33 -3.61 -8.66 -2.37
C ILE A 33 -4.60 -7.48 -2.31
N SER A 34 -5.20 -7.22 -1.14
CA SER A 34 -6.17 -6.13 -0.91
C SER A 34 -5.49 -4.74 -0.71
N PRO A 35 -5.62 -3.77 -1.64
CA PRO A 35 -5.22 -2.37 -1.41
C PRO A 35 -6.16 -1.62 -0.46
N GLU A 36 -7.43 -2.05 -0.36
CA GLU A 36 -8.44 -1.37 0.44
C GLU A 36 -8.08 -1.30 1.94
N GLU A 37 -7.38 -2.31 2.46
CA GLU A 37 -6.86 -2.34 3.85
C GLU A 37 -5.90 -1.19 4.13
N ILE A 38 -5.00 -0.87 3.19
CA ILE A 38 -4.07 0.25 3.32
C ILE A 38 -4.80 1.57 3.10
N ARG A 39 -5.65 1.68 2.07
CA ARG A 39 -6.41 2.93 1.82
C ARG A 39 -7.31 3.32 2.99
N LYS A 40 -8.06 2.39 3.60
CA LYS A 40 -8.93 2.69 4.76
C LYS A 40 -8.15 3.08 6.02
N TYR A 41 -6.98 2.48 6.22
CA TYR A 41 -6.03 2.85 7.29
C TYR A 41 -5.50 4.27 7.03
N LEU A 42 -4.96 4.55 5.83
CA LEU A 42 -4.47 5.86 5.40
C LEU A 42 -5.49 7.00 5.52
N LEU A 43 -6.77 6.74 5.25
CA LEU A 43 -7.86 7.73 5.39
C LEU A 43 -8.10 8.19 6.85
N LEU A 44 -7.79 7.36 7.84
CA LEU A 44 -7.66 7.78 9.24
C LEU A 44 -6.28 8.38 9.51
N ASN A 45 -5.25 7.61 9.19
CA ASN A 45 -3.85 7.87 9.53
C ASN A 45 -3.24 8.86 8.52
N LYS A 46 -3.75 10.09 8.50
CA LYS A 46 -3.32 11.18 7.59
C LYS A 46 -2.00 11.85 8.04
N LYS A 47 -1.06 11.03 8.52
CA LYS A 47 0.27 11.42 9.03
C LYS A 47 1.24 11.78 7.90
N SER A 48 2.33 12.47 8.25
CA SER A 48 3.48 12.75 7.37
C SER A 48 4.79 12.77 8.19
N ALA A 49 5.33 11.58 8.47
CA ALA A 49 6.58 11.35 9.22
C ALA A 49 6.67 12.10 10.58
N HIS A 50 5.58 12.11 11.37
CA HIS A 50 5.48 12.86 12.62
C HIS A 50 6.46 12.38 13.72
N PRO A 51 6.99 13.28 14.57
CA PRO A 51 7.89 12.94 15.69
C PRO A 51 7.16 12.34 16.91
N GLY A 52 5.89 12.71 17.06
CA GLY A 52 5.01 12.31 18.17
C GLY A 52 5.01 13.29 19.37
N PRO A 53 4.03 13.15 20.29
CA PRO A 53 3.80 14.13 21.37
C PRO A 53 4.91 14.16 22.43
N ALA A 54 5.69 13.08 22.59
CA ALA A 54 6.81 13.02 23.53
C ALA A 54 7.95 14.01 23.17
N ALA A 55 8.23 14.17 21.87
CA ALA A 55 9.19 15.16 21.37
C ALA A 55 8.67 16.61 21.50
N ARG A 56 7.36 16.82 21.32
CA ARG A 56 6.69 18.12 21.47
C ARG A 56 6.61 18.56 22.95
N SER A 57 6.40 17.60 23.87
CA SER A 57 6.54 17.81 25.32
C SER A 57 7.99 18.08 25.73
N HIS A 58 8.96 17.51 24.99
CA HIS A 58 10.41 17.68 25.08
C HIS A 58 11.07 17.17 26.39
N THR A 59 10.29 17.00 27.46
CA THR A 59 10.69 16.39 28.73
C THR A 59 10.91 14.88 28.66
N VAL A 60 10.10 14.17 27.85
CA VAL A 60 10.18 12.70 27.67
C VAL A 60 11.39 12.32 26.81
N ASN A 61 11.60 13.04 25.71
CA ASN A 61 12.81 13.02 24.88
C ASN A 61 12.96 14.35 24.13
N PRO A 62 14.18 14.80 23.79
CA PRO A 62 14.38 15.98 22.95
C PRO A 62 13.87 15.76 21.52
N PHE A 63 13.55 16.86 20.83
CA PHE A 63 13.15 16.91 19.41
C PHE A 63 14.37 16.93 18.47
N GLY B 1 -13.06 -8.98 -43.90
CA GLY B 1 -12.58 -7.62 -43.61
C GLY B 1 -12.19 -6.88 -44.88
N SER B 2 -12.28 -5.54 -44.89
CA SER B 2 -11.88 -4.68 -46.01
C SER B 2 -10.35 -4.60 -46.19
N HIS B 3 -9.89 -4.06 -47.32
CA HIS B 3 -8.48 -3.83 -47.62
C HIS B 3 -7.80 -2.83 -46.64
N MET B 4 -8.58 -2.04 -45.90
CA MET B 4 -8.08 -1.10 -44.88
C MET B 4 -7.54 -1.80 -43.61
N ALA B 5 -7.84 -3.08 -43.41
CA ALA B 5 -7.43 -3.87 -42.23
C ALA B 5 -5.90 -4.05 -42.10
N SER B 6 -5.11 -3.67 -43.10
CA SER B 6 -3.64 -3.61 -43.06
C SER B 6 -3.08 -2.53 -42.11
N MET B 7 -3.91 -1.59 -41.65
CA MET B 7 -3.53 -0.57 -40.66
C MET B 7 -3.15 -1.19 -39.30
N LYS B 8 -2.36 -0.45 -38.50
CA LYS B 8 -1.98 -0.80 -37.11
C LYS B 8 -3.16 -0.61 -36.13
N ASN B 9 -4.15 -1.48 -36.29
CA ASN B 9 -5.45 -1.43 -35.61
C ASN B 9 -5.35 -1.79 -34.11
N ALA B 10 -6.24 -1.19 -33.30
CA ALA B 10 -6.36 -1.44 -31.86
C ALA B 10 -7.18 -2.72 -31.54
N LYS B 11 -7.10 -3.17 -30.28
CA LYS B 11 -7.86 -4.33 -29.73
C LYS B 11 -8.25 -4.08 -28.27
N GLN B 12 -9.39 -4.65 -27.87
CA GLN B 12 -9.96 -4.50 -26.52
C GLN B 12 -9.15 -5.16 -25.37
N GLU B 13 -8.13 -5.97 -25.67
CA GLU B 13 -7.32 -6.70 -24.68
C GLU B 13 -6.47 -5.82 -23.76
N HIS B 14 -6.28 -4.54 -24.09
CA HIS B 14 -5.32 -3.64 -23.43
C HIS B 14 -5.85 -3.05 -22.10
N PHE B 15 -6.37 -3.90 -21.20
CA PHE B 15 -6.84 -3.53 -19.86
C PHE B 15 -5.71 -2.99 -18.97
N GLU B 16 -6.06 -2.14 -17.99
CA GLU B 16 -5.12 -1.49 -17.07
C GLU B 16 -5.75 -1.20 -15.69
N LEU B 17 -4.93 -1.19 -14.62
CA LEU B 17 -5.35 -0.91 -13.24
C LEU B 17 -5.75 0.57 -13.06
N ASP B 18 -6.77 0.83 -12.23
CA ASP B 18 -7.25 2.18 -11.86
C ASP B 18 -6.36 2.91 -10.83
N GLN B 19 -5.03 2.71 -10.91
CA GLN B 19 -3.98 3.34 -10.09
C GLN B 19 -4.07 3.16 -8.55
N GLU B 20 -4.98 2.34 -8.01
CA GLU B 20 -5.21 2.21 -6.55
C GLU B 20 -3.90 1.96 -5.80
N TRP B 21 -3.15 0.92 -6.20
CA TRP B 21 -1.86 0.56 -5.62
C TRP B 21 -0.78 1.64 -5.74
N VAL B 22 -0.85 2.50 -6.76
CA VAL B 22 0.18 3.53 -7.03
C VAL B 22 -0.05 4.80 -6.21
N GLU B 23 -1.31 5.26 -6.12
CA GLU B 23 -1.67 6.37 -5.22
C GLU B 23 -1.49 5.95 -3.74
N LEU B 24 -1.78 4.69 -3.43
CA LEU B 24 -1.59 4.05 -2.13
C LEU B 24 -0.11 3.97 -1.72
N MET B 25 0.76 3.38 -2.56
CA MET B 25 2.13 3.04 -2.14
C MET B 25 2.99 4.26 -1.77
N VAL B 26 2.81 5.39 -2.48
CA VAL B 26 3.58 6.62 -2.23
C VAL B 26 3.13 7.35 -0.95
N GLU B 27 1.82 7.39 -0.68
CA GLU B 27 1.26 8.03 0.53
C GLU B 27 1.42 7.14 1.79
N ALA B 28 1.24 5.83 1.66
CA ALA B 28 1.38 4.87 2.75
C ALA B 28 2.81 4.85 3.34
N LYS B 29 3.83 5.11 2.52
CA LYS B 29 5.22 5.30 2.96
C LYS B 29 5.39 6.50 3.89
N GLU B 30 4.91 7.67 3.49
CA GLU B 30 5.07 8.92 4.26
C GLU B 30 4.14 9.00 5.49
N ALA B 31 2.95 8.39 5.41
CA ALA B 31 2.07 8.20 6.56
C ALA B 31 2.51 7.05 7.49
N ASN B 32 3.40 6.19 6.99
CA ASN B 32 3.94 4.99 7.63
C ASN B 32 2.83 4.02 8.10
N ILE B 33 1.95 3.64 7.18
CA ILE B 33 1.11 2.43 7.29
C ILE B 33 2.03 1.18 7.29
N SER B 34 1.52 0.01 7.68
CA SER B 34 2.27 -1.26 7.71
C SER B 34 2.44 -1.91 6.31
N PRO B 35 3.64 -1.94 5.69
CA PRO B 35 3.91 -2.76 4.51
C PRO B 35 4.06 -4.25 4.85
N GLU B 36 4.38 -4.57 6.11
CA GLU B 36 4.53 -5.96 6.57
C GLU B 36 3.25 -6.77 6.33
N GLU B 37 2.07 -6.15 6.46
CA GLU B 37 0.76 -6.78 6.19
C GLU B 37 0.67 -7.32 4.76
N ILE B 38 1.15 -6.56 3.78
CA ILE B 38 1.16 -6.97 2.36
C ILE B 38 2.26 -7.99 2.13
N ARG B 39 3.47 -7.76 2.67
CA ARG B 39 4.60 -8.70 2.55
C ARG B 39 4.29 -10.09 3.14
N LYS B 40 3.63 -10.17 4.30
CA LYS B 40 3.27 -11.46 4.94
C LYS B 40 2.08 -12.16 4.25
N TYR B 41 1.12 -11.38 3.73
CA TYR B 41 0.05 -11.91 2.87
C TYR B 41 0.63 -12.50 1.56
N LEU B 42 1.53 -11.80 0.87
CA LEU B 42 2.28 -12.33 -0.28
C LEU B 42 3.00 -13.65 0.04
N LEU B 43 3.68 -13.73 1.20
CA LEU B 43 4.37 -14.94 1.65
C LEU B 43 3.41 -16.11 1.95
N LEU B 44 2.25 -15.84 2.56
CA LEU B 44 1.21 -16.84 2.88
C LEU B 44 0.47 -17.31 1.62
N ASN B 45 0.26 -16.40 0.67
CA ASN B 45 -0.33 -16.63 -0.65
C ASN B 45 0.67 -17.34 -1.61
N LYS B 46 1.96 -17.33 -1.28
CA LYS B 46 3.09 -17.97 -2.01
C LYS B 46 3.24 -17.49 -3.47
N LYS B 47 2.75 -16.28 -3.77
CA LYS B 47 2.74 -15.69 -5.12
C LYS B 47 4.03 -14.90 -5.41
N SER B 48 4.48 -14.96 -6.67
CA SER B 48 5.64 -14.24 -7.20
C SER B 48 5.60 -14.19 -8.73
N ALA B 49 6.09 -13.12 -9.34
CA ALA B 49 6.21 -12.99 -10.80
C ALA B 49 7.11 -14.09 -11.43
N HIS B 50 6.73 -14.57 -12.61
CA HIS B 50 7.42 -15.62 -13.39
C HIS B 50 7.62 -15.21 -14.86
N PRO B 51 8.65 -15.71 -15.55
CA PRO B 51 8.98 -15.31 -16.94
C PRO B 51 7.98 -15.83 -17.98
N GLY B 52 7.53 -17.08 -17.82
CA GLY B 52 6.59 -17.78 -18.70
C GLY B 52 6.73 -19.32 -18.69
N PRO B 53 5.88 -20.04 -19.44
CA PRO B 53 5.94 -21.50 -19.56
C PRO B 53 7.16 -21.99 -20.36
N ALA B 54 7.55 -23.25 -20.13
CA ALA B 54 8.62 -23.92 -20.86
C ALA B 54 8.25 -24.21 -22.34
N ALA B 55 9.24 -24.13 -23.24
CA ALA B 55 9.10 -24.47 -24.65
C ALA B 55 9.22 -26.00 -24.90
N ARG B 56 8.78 -26.46 -26.08
CA ARG B 56 8.97 -27.85 -26.57
C ARG B 56 10.47 -28.20 -26.70
N SER B 57 11.27 -27.23 -27.11
CA SER B 57 12.74 -27.21 -26.99
C SER B 57 13.24 -25.76 -26.85
N HIS B 58 14.24 -25.55 -26.01
CA HIS B 58 14.89 -24.25 -25.81
C HIS B 58 16.11 -24.02 -26.73
N THR B 59 16.43 -24.99 -27.60
CA THR B 59 17.54 -24.90 -28.59
C THR B 59 17.22 -23.90 -29.72
N VAL B 60 18.26 -23.29 -30.29
CA VAL B 60 18.16 -22.35 -31.43
C VAL B 60 17.91 -23.08 -32.76
N ASN B 61 17.27 -22.38 -33.71
CA ASN B 61 17.06 -22.88 -35.08
C ASN B 61 18.40 -22.94 -35.88
N PRO B 62 18.54 -23.89 -36.83
CA PRO B 62 19.72 -23.97 -37.70
C PRO B 62 19.81 -22.79 -38.68
N PHE B 63 21.04 -22.53 -39.17
CA PHE B 63 21.35 -21.49 -40.18
C PHE B 63 20.78 -21.84 -41.57
N GLY A 1 27.44 8.55 39.83
CA GLY A 1 27.15 9.33 38.61
C GLY A 1 25.66 9.57 38.43
N SER A 2 25.30 10.59 37.64
CA SER A 2 23.91 10.96 37.32
C SER A 2 23.82 11.68 35.95
N HIS A 3 22.66 11.59 35.29
CA HIS A 3 22.38 12.18 33.98
C HIS A 3 20.88 12.49 33.80
N MET A 4 20.54 13.31 32.81
CA MET A 4 19.16 13.67 32.43
C MET A 4 18.33 12.43 32.04
N ALA A 5 17.07 12.39 32.46
CA ALA A 5 16.10 11.33 32.16
C ALA A 5 14.65 11.88 32.10
N SER A 6 13.74 11.12 31.47
CA SER A 6 12.32 11.44 31.33
C SER A 6 11.45 10.18 31.24
N MET A 7 10.18 10.28 31.64
CA MET A 7 9.17 9.23 31.49
C MET A 7 8.81 8.96 30.01
N LYS A 8 8.92 9.98 29.13
CA LYS A 8 8.68 9.89 27.69
C LYS A 8 9.47 10.96 26.93
N ASN A 9 10.33 10.53 26.00
CA ASN A 9 11.09 11.42 25.11
C ASN A 9 10.22 11.92 23.94
N ALA A 10 10.48 13.16 23.47
CA ALA A 10 9.73 13.80 22.38
C ALA A 10 10.17 13.37 20.95
N LYS A 11 11.27 12.62 20.82
CA LYS A 11 11.88 12.22 19.55
C LYS A 11 10.95 11.32 18.70
N GLN A 12 10.85 11.62 17.41
CA GLN A 12 10.11 10.84 16.41
C GLN A 12 10.85 9.54 16.01
N GLU A 13 10.16 8.62 15.33
CA GLU A 13 10.69 7.31 14.94
C GLU A 13 11.78 7.35 13.86
N HIS A 14 11.86 8.43 13.05
CA HIS A 14 12.85 8.62 11.98
C HIS A 14 12.97 7.40 11.03
N PHE A 15 11.85 6.92 10.52
CA PHE A 15 11.76 5.70 9.70
C PHE A 15 12.67 5.74 8.45
N GLU A 16 13.33 4.61 8.16
CA GLU A 16 14.19 4.40 6.96
C GLU A 16 13.48 3.55 5.88
N LEU A 17 12.14 3.64 5.84
CA LEU A 17 11.23 2.75 5.09
C LEU A 17 11.15 3.06 3.58
N ASP A 18 12.30 3.14 2.90
CA ASP A 18 12.41 3.64 1.53
C ASP A 18 11.84 2.68 0.46
N GLN A 19 12.08 1.37 0.59
CA GLN A 19 11.93 0.41 -0.52
C GLN A 19 10.98 -0.76 -0.25
N GLU A 20 10.59 -1.05 0.99
CA GLU A 20 9.61 -2.12 1.30
C GLU A 20 8.27 -1.86 0.60
N TRP A 21 7.84 -0.60 0.62
CA TRP A 21 6.63 -0.12 -0.04
C TRP A 21 6.64 -0.25 -1.57
N VAL A 22 7.82 -0.22 -2.21
CA VAL A 22 7.98 -0.50 -3.64
C VAL A 22 7.93 -2.01 -3.90
N GLU A 23 8.67 -2.80 -3.11
CA GLU A 23 8.80 -4.25 -3.26
C GLU A 23 7.48 -5.02 -3.01
N LEU A 24 6.61 -4.54 -2.10
CA LEU A 24 5.26 -5.07 -1.96
C LEU A 24 4.36 -4.64 -3.14
N MET A 25 4.40 -3.36 -3.54
CA MET A 25 3.47 -2.78 -4.53
C MET A 25 3.60 -3.43 -5.91
N VAL A 26 4.84 -3.68 -6.36
CA VAL A 26 5.13 -4.23 -7.70
C VAL A 26 4.53 -5.64 -7.90
N GLU A 27 4.45 -6.45 -6.85
CA GLU A 27 3.95 -7.83 -6.91
C GLU A 27 2.54 -8.02 -6.33
N ALA A 28 2.11 -7.22 -5.35
CA ALA A 28 0.77 -7.31 -4.75
C ALA A 28 -0.37 -7.11 -5.76
N LYS A 29 -0.17 -6.29 -6.80
CA LYS A 29 -1.10 -6.15 -7.92
C LYS A 29 -1.22 -7.41 -8.77
N GLU A 30 -0.14 -8.17 -8.96
CA GLU A 30 -0.09 -9.40 -9.76
C GLU A 30 -0.57 -10.65 -8.97
N ALA A 31 -0.28 -10.70 -7.68
CA ALA A 31 -0.78 -11.72 -6.75
C ALA A 31 -2.23 -11.45 -6.28
N ASN A 32 -2.71 -10.23 -6.50
CA ASN A 32 -4.02 -9.69 -6.11
C ASN A 32 -4.24 -9.72 -4.58
N ILE A 33 -3.28 -9.19 -3.83
CA ILE A 33 -3.47 -8.84 -2.40
C ILE A 33 -4.52 -7.72 -2.27
N SER A 34 -5.12 -7.54 -1.10
CA SER A 34 -6.11 -6.48 -0.81
C SER A 34 -5.46 -5.08 -0.63
N PRO A 35 -5.68 -4.09 -1.53
CA PRO A 35 -5.26 -2.70 -1.32
C PRO A 35 -6.14 -1.95 -0.30
N GLU A 36 -7.39 -2.40 -0.10
CA GLU A 36 -8.39 -1.66 0.67
C GLU A 36 -7.95 -1.38 2.12
N GLU A 37 -7.28 -2.34 2.77
CA GLU A 37 -6.77 -2.21 4.14
C GLU A 37 -5.84 -1.00 4.30
N ILE A 38 -4.94 -0.80 3.33
CA ILE A 38 -4.03 0.35 3.28
C ILE A 38 -4.81 1.60 2.91
N ARG A 39 -5.59 1.54 1.82
CA ARG A 39 -6.34 2.68 1.27
C ARG A 39 -7.30 3.31 2.28
N LYS A 40 -7.88 2.52 3.20
CA LYS A 40 -8.75 2.98 4.30
C LYS A 40 -7.98 3.37 5.57
N TYR A 41 -6.97 2.61 5.99
CA TYR A 41 -6.17 2.93 7.20
C TYR A 41 -5.41 4.26 7.03
N LEU A 42 -4.91 4.53 5.83
CA LEU A 42 -4.32 5.79 5.38
C LEU A 42 -5.23 7.03 5.55
N LEU A 43 -6.57 6.88 5.59
CA LEU A 43 -7.50 7.98 5.89
C LEU A 43 -7.53 8.34 7.40
N LEU A 44 -7.38 7.34 8.27
CA LEU A 44 -7.31 7.51 9.73
C LEU A 44 -5.94 7.97 10.21
N ASN A 45 -4.88 7.37 9.66
CA ASN A 45 -3.53 7.46 10.16
C ASN A 45 -2.93 8.88 9.98
N LYS A 46 -2.74 9.62 11.07
CA LYS A 46 -1.94 10.86 11.09
C LYS A 46 -0.44 10.55 11.18
N LYS A 47 -0.03 9.91 12.29
CA LYS A 47 1.36 9.61 12.74
C LYS A 47 2.33 10.81 12.90
N SER A 48 2.27 11.80 12.02
CA SER A 48 3.02 13.06 12.11
C SER A 48 2.61 13.91 13.32
N ALA A 49 3.50 14.79 13.79
CA ALA A 49 3.31 15.68 14.94
C ALA A 49 3.94 17.07 14.73
N HIS A 50 3.48 18.06 15.50
CA HIS A 50 3.87 19.48 15.40
C HIS A 50 3.83 20.15 16.80
N PRO A 51 4.73 21.13 17.08
CA PRO A 51 4.84 21.75 18.41
C PRO A 51 3.70 22.75 18.71
N GLY A 52 3.35 23.56 17.72
CA GLY A 52 2.27 24.55 17.79
C GLY A 52 0.88 24.01 17.43
N PRO A 53 -0.20 24.76 17.72
CA PRO A 53 -1.57 24.39 17.35
C PRO A 53 -1.83 24.62 15.85
N ALA A 54 -1.42 23.66 15.01
CA ALA A 54 -1.68 23.67 13.56
C ALA A 54 -3.17 23.43 13.22
N ALA A 55 -3.87 22.63 14.04
CA ALA A 55 -5.33 22.44 13.99
C ALA A 55 -6.10 23.62 14.63
N ARG A 56 -7.44 23.63 14.46
CA ARG A 56 -8.34 24.67 15.01
C ARG A 56 -8.48 24.69 16.55
N SER A 57 -7.90 23.72 17.25
CA SER A 57 -7.89 23.61 18.72
C SER A 57 -7.06 24.74 19.39
N HIS A 58 -7.21 24.88 20.72
CA HIS A 58 -6.51 25.88 21.53
C HIS A 58 -4.98 25.64 21.63
N THR A 59 -4.24 26.66 22.06
CA THR A 59 -2.79 26.56 22.37
C THR A 59 -2.55 25.64 23.59
N VAL A 60 -1.44 24.90 23.61
CA VAL A 60 -1.05 24.02 24.71
C VAL A 60 -0.91 24.78 26.05
N ASN A 61 -1.30 24.14 27.16
CA ASN A 61 -1.34 24.71 28.51
C ASN A 61 -2.08 26.07 28.59
N PRO A 62 -3.38 26.14 28.23
CA PRO A 62 -4.17 27.37 28.20
C PRO A 62 -4.43 27.94 29.62
N PHE A 63 -4.73 29.25 29.67
CA PHE A 63 -5.07 29.99 30.89
C PHE A 63 -6.41 29.54 31.51
N GLY B 1 -38.27 -4.13 -22.78
CA GLY B 1 -38.35 -3.07 -21.74
C GLY B 1 -37.10 -3.03 -20.87
N SER B 2 -37.14 -2.24 -19.79
CA SER B 2 -36.02 -2.00 -18.85
C SER B 2 -35.83 -3.14 -17.84
N HIS B 3 -35.67 -4.38 -18.32
CA HIS B 3 -35.53 -5.58 -17.51
C HIS B 3 -34.21 -5.62 -16.71
N MET B 4 -34.21 -6.30 -15.56
CA MET B 4 -33.03 -6.46 -14.68
C MET B 4 -31.92 -7.32 -15.31
N ALA B 5 -32.29 -8.26 -16.18
CA ALA B 5 -31.38 -9.18 -16.90
C ALA B 5 -31.93 -9.57 -18.27
N SER B 6 -31.07 -10.14 -19.12
CA SER B 6 -31.40 -10.65 -20.46
C SER B 6 -30.46 -11.81 -20.86
N MET B 7 -30.96 -12.75 -21.67
CA MET B 7 -30.16 -13.85 -22.23
C MET B 7 -29.02 -13.38 -23.16
N LYS B 8 -29.08 -12.12 -23.62
CA LYS B 8 -28.02 -11.45 -24.41
C LYS B 8 -26.79 -11.07 -23.57
N ASN B 9 -26.95 -10.92 -22.26
CA ASN B 9 -25.87 -10.52 -21.33
C ASN B 9 -24.84 -11.65 -21.10
N ALA B 10 -23.62 -11.26 -20.70
CA ALA B 10 -22.53 -12.17 -20.33
C ALA B 10 -21.62 -11.57 -19.24
N LYS B 11 -21.01 -12.44 -18.42
CA LYS B 11 -20.10 -12.09 -17.31
C LYS B 11 -19.13 -13.25 -17.02
N GLN B 12 -17.94 -12.93 -16.53
CA GLN B 12 -16.91 -13.89 -16.10
C GLN B 12 -16.30 -13.48 -14.74
N GLU B 13 -15.83 -14.46 -13.96
CA GLU B 13 -15.16 -14.24 -12.66
C GLU B 13 -13.66 -13.87 -12.80
N HIS B 14 -13.19 -13.64 -14.02
CA HIS B 14 -11.80 -13.27 -14.37
C HIS B 14 -11.49 -11.78 -14.08
N PHE B 15 -11.77 -11.34 -12.85
CA PHE B 15 -11.58 -9.96 -12.38
C PHE B 15 -10.11 -9.53 -12.33
N GLU B 16 -9.87 -8.22 -12.37
CA GLU B 16 -8.54 -7.59 -12.40
C GLU B 16 -8.56 -6.21 -11.69
N LEU B 17 -7.42 -5.79 -11.13
CA LEU B 17 -7.24 -4.50 -10.45
C LEU B 17 -5.96 -3.77 -10.90
N ASP B 18 -6.01 -2.44 -10.90
CA ASP B 18 -4.93 -1.55 -11.37
C ASP B 18 -5.03 -0.15 -10.74
N GLN B 19 -3.93 0.63 -10.80
CA GLN B 19 -3.73 1.98 -10.29
C GLN B 19 -3.85 2.19 -8.77
N GLU B 20 -4.81 1.55 -8.08
CA GLU B 20 -4.99 1.68 -6.62
C GLU B 20 -3.69 1.42 -5.85
N TRP B 21 -2.96 0.38 -6.27
CA TRP B 21 -1.65 0.01 -5.73
C TRP B 21 -0.57 1.08 -5.87
N VAL B 22 -0.62 1.93 -6.89
CA VAL B 22 0.29 3.08 -7.05
C VAL B 22 -0.16 4.24 -6.17
N GLU B 23 -1.47 4.56 -6.15
CA GLU B 23 -2.03 5.65 -5.35
C GLU B 23 -1.85 5.43 -3.84
N LEU B 24 -2.08 4.19 -3.35
CA LEU B 24 -1.87 3.84 -1.94
C LEU B 24 -0.37 3.82 -1.58
N MET B 25 0.52 3.34 -2.46
CA MET B 25 1.93 3.09 -2.12
C MET B 25 2.70 4.37 -1.72
N VAL B 26 2.62 5.43 -2.54
CA VAL B 26 3.38 6.67 -2.29
C VAL B 26 2.87 7.41 -1.05
N GLU B 27 1.55 7.39 -0.81
CA GLU B 27 0.92 7.98 0.36
C GLU B 27 1.14 7.16 1.64
N ALA B 28 1.11 5.82 1.56
CA ALA B 28 1.38 4.91 2.67
C ALA B 28 2.84 4.94 3.14
N LYS B 29 3.79 5.14 2.21
CA LYS B 29 5.20 5.41 2.51
C LYS B 29 5.37 6.73 3.27
N GLU B 30 4.70 7.79 2.82
CA GLU B 30 4.75 9.12 3.46
C GLU B 30 4.08 9.14 4.85
N ALA B 31 2.93 8.46 5.01
CA ALA B 31 2.17 8.35 6.25
C ALA B 31 2.67 7.26 7.23
N ASN B 32 3.55 6.37 6.76
CA ASN B 32 4.05 5.18 7.46
C ASN B 32 2.94 4.23 7.95
N ILE B 33 2.11 3.75 7.02
CA ILE B 33 1.30 2.53 7.20
C ILE B 33 2.25 1.31 7.32
N SER B 34 1.75 0.16 7.80
CA SER B 34 2.49 -1.11 7.87
C SER B 34 2.58 -1.84 6.51
N PRO B 35 3.76 -1.93 5.86
CA PRO B 35 3.97 -2.77 4.68
C PRO B 35 4.04 -4.27 5.02
N GLU B 36 4.34 -4.61 6.27
CA GLU B 36 4.43 -6.00 6.76
C GLU B 36 3.12 -6.77 6.51
N GLU B 37 1.96 -6.11 6.65
CA GLU B 37 0.64 -6.71 6.41
C GLU B 37 0.48 -7.22 4.97
N ILE B 38 0.99 -6.48 3.99
CA ILE B 38 0.96 -6.86 2.57
C ILE B 38 2.02 -7.92 2.29
N ARG B 39 3.25 -7.72 2.81
CA ARG B 39 4.38 -8.65 2.62
C ARG B 39 4.09 -10.05 3.20
N LYS B 40 3.52 -10.15 4.40
CA LYS B 40 3.17 -11.44 5.04
C LYS B 40 1.99 -12.15 4.36
N TYR B 41 1.02 -11.37 3.87
CA TYR B 41 -0.09 -11.87 3.04
C TYR B 41 0.48 -12.44 1.71
N LEU B 42 1.29 -11.67 0.98
CA LEU B 42 1.99 -12.07 -0.25
C LEU B 42 2.90 -13.32 -0.08
N LEU B 43 3.52 -13.52 1.07
CA LEU B 43 4.32 -14.72 1.36
C LEU B 43 3.47 -16.02 1.38
N LEU B 44 2.21 -15.94 1.78
CA LEU B 44 1.25 -17.06 1.74
C LEU B 44 0.50 -17.11 0.40
N ASN B 45 -0.06 -15.97 -0.02
CA ASN B 45 -0.70 -15.71 -1.32
C ASN B 45 0.39 -15.48 -2.40
N LYS B 46 1.25 -16.48 -2.61
CA LYS B 46 2.40 -16.44 -3.53
C LYS B 46 1.99 -16.61 -5.02
N LYS B 47 0.88 -15.98 -5.39
CA LYS B 47 0.21 -16.04 -6.71
C LYS B 47 0.79 -15.07 -7.73
N SER B 48 0.42 -15.25 -8.99
CA SER B 48 0.76 -14.38 -10.13
C SER B 48 -0.29 -14.50 -11.26
N ALA B 49 -0.29 -13.56 -12.20
CA ALA B 49 -1.19 -13.57 -13.36
C ALA B 49 -0.89 -14.73 -14.34
N HIS B 50 -1.93 -15.33 -14.92
CA HIS B 50 -1.81 -16.43 -15.89
C HIS B 50 -1.31 -15.95 -17.27
N PRO B 51 -0.55 -16.79 -18.02
CA PRO B 51 -0.11 -16.48 -19.38
C PRO B 51 -1.25 -16.53 -20.42
N GLY B 52 -0.94 -16.12 -21.65
CA GLY B 52 -1.81 -16.21 -22.84
C GLY B 52 -1.89 -17.62 -23.44
N PRO B 53 -1.78 -17.79 -24.78
CA PRO B 53 -1.88 -19.09 -25.45
C PRO B 53 -0.90 -20.19 -24.99
N ALA B 54 0.15 -19.84 -24.24
CA ALA B 54 1.06 -20.78 -23.57
C ALA B 54 0.39 -21.57 -22.41
N ALA B 55 -0.80 -21.16 -21.94
CA ALA B 55 -1.58 -21.85 -20.91
C ALA B 55 -2.16 -23.22 -21.34
N ARG B 56 -2.09 -23.56 -22.64
CA ARG B 56 -2.56 -24.83 -23.23
C ARG B 56 -1.88 -26.08 -22.65
N SER B 57 -2.53 -27.24 -22.81
CA SER B 57 -2.11 -28.53 -22.23
C SER B 57 -0.83 -29.13 -22.87
N HIS B 58 -0.43 -28.68 -24.06
CA HIS B 58 0.71 -29.20 -24.82
C HIS B 58 1.41 -28.10 -25.61
N THR B 59 2.73 -27.95 -25.42
CA THR B 59 3.55 -26.91 -26.09
C THR B 59 3.69 -27.16 -27.60
N VAL B 60 3.77 -28.43 -28.01
CA VAL B 60 3.87 -28.91 -29.39
C VAL B 60 2.93 -30.10 -29.62
N ASN B 61 2.68 -30.47 -30.88
CA ASN B 61 1.79 -31.58 -31.25
C ASN B 61 2.23 -32.91 -30.58
N PRO B 62 1.35 -33.63 -29.86
CA PRO B 62 1.71 -34.85 -29.12
C PRO B 62 2.28 -36.00 -29.99
N PHE B 63 3.19 -36.77 -29.40
CA PHE B 63 3.85 -37.92 -30.03
C PHE B 63 2.90 -39.11 -30.31
N GLY A 1 9.33 18.77 43.91
CA GLY A 1 10.36 17.93 44.56
C GLY A 1 11.40 17.42 43.56
N SER A 2 12.44 16.74 44.06
CA SER A 2 13.50 16.12 43.24
C SER A 2 13.00 14.96 42.38
N HIS A 3 13.71 14.68 41.28
CA HIS A 3 13.43 13.60 40.32
C HIS A 3 12.03 13.66 39.64
N MET A 4 11.37 14.83 39.66
CA MET A 4 10.07 15.06 39.02
C MET A 4 10.15 15.02 37.48
N ALA A 5 9.11 14.48 36.83
CA ALA A 5 9.01 14.38 35.37
C ALA A 5 8.87 15.77 34.68
N SER A 6 9.39 15.88 33.45
CA SER A 6 9.37 17.13 32.66
C SER A 6 7.98 17.52 32.13
N MET A 7 7.05 16.57 32.04
CA MET A 7 5.66 16.74 31.56
C MET A 7 5.54 17.37 30.15
N LYS A 8 6.55 17.16 29.30
CA LYS A 8 6.64 17.68 27.93
C LYS A 8 5.62 17.04 26.97
N ASN A 9 5.30 17.75 25.87
CA ASN A 9 4.45 17.26 24.79
C ASN A 9 5.12 16.14 23.96
N ALA A 10 4.32 15.36 23.23
CA ALA A 10 4.77 14.31 22.33
C ALA A 10 5.56 14.85 21.11
N LYS A 11 6.39 13.99 20.49
CA LYS A 11 7.18 14.30 19.29
C LYS A 11 6.32 14.50 18.03
N GLN A 12 6.96 14.99 16.96
CA GLN A 12 6.40 14.97 15.60
C GLN A 12 6.25 13.53 15.06
N GLU A 13 5.20 13.27 14.30
CA GLU A 13 4.79 11.92 13.87
C GLU A 13 5.13 11.61 12.40
N HIS A 14 6.10 12.32 11.81
CA HIS A 14 6.63 12.03 10.47
C HIS A 14 7.53 10.78 10.47
N PHE A 15 7.59 10.08 9.32
CA PHE A 15 8.38 8.87 9.10
C PHE A 15 8.97 8.80 7.68
N GLU A 16 9.90 7.87 7.47
CA GLU A 16 10.42 7.42 6.17
C GLU A 16 10.72 5.92 6.21
N LEU A 17 10.68 5.24 5.07
CA LEU A 17 10.80 3.77 4.98
C LEU A 17 11.53 3.35 3.70
N ASP A 18 12.61 2.57 3.84
CA ASP A 18 13.49 2.17 2.76
C ASP A 18 12.91 1.03 1.88
N GLN A 19 12.39 1.38 0.71
CA GLN A 19 12.11 0.53 -0.47
C GLN A 19 11.09 -0.63 -0.32
N GLU A 20 10.72 -1.07 0.90
CA GLU A 20 9.77 -2.19 1.12
C GLU A 20 8.47 -1.98 0.34
N TRP A 21 7.88 -0.79 0.45
CA TRP A 21 6.66 -0.37 -0.22
C TRP A 21 6.70 -0.48 -1.75
N VAL A 22 7.87 -0.29 -2.36
CA VAL A 22 8.02 -0.29 -3.83
C VAL A 22 8.11 -1.71 -4.38
N GLU A 23 8.88 -2.59 -3.73
CA GLU A 23 8.91 -4.02 -4.07
C GLU A 23 7.53 -4.68 -3.80
N LEU A 24 6.91 -4.30 -2.68
CA LEU A 24 5.58 -4.70 -2.24
C LEU A 24 4.51 -4.33 -3.27
N MET A 25 4.44 -3.07 -3.74
CA MET A 25 3.33 -2.64 -4.60
C MET A 25 3.26 -3.41 -5.92
N VAL A 26 4.41 -3.80 -6.50
CA VAL A 26 4.48 -4.52 -7.78
C VAL A 26 4.00 -5.98 -7.62
N GLU A 27 4.52 -6.69 -6.63
CA GLU A 27 4.16 -8.09 -6.39
C GLU A 27 2.75 -8.24 -5.81
N ALA A 28 2.31 -7.34 -4.92
CA ALA A 28 0.96 -7.34 -4.36
C ALA A 28 -0.14 -6.97 -5.38
N LYS A 29 0.18 -6.13 -6.36
CA LYS A 29 -0.67 -5.85 -7.54
C LYS A 29 -0.86 -7.07 -8.44
N GLU A 30 0.19 -7.86 -8.65
CA GLU A 30 0.10 -9.14 -9.38
C GLU A 30 -0.65 -10.21 -8.59
N ALA A 31 -0.39 -10.31 -7.29
CA ALA A 31 -0.96 -11.32 -6.38
C ALA A 31 -2.37 -11.01 -5.85
N ASN A 32 -2.83 -9.76 -5.95
CA ASN A 32 -4.08 -9.24 -5.36
C ASN A 32 -4.15 -9.43 -3.83
N ILE A 33 -3.34 -8.65 -3.08
CA ILE A 33 -3.29 -8.66 -1.60
C ILE A 33 -3.97 -7.41 -1.00
N SER A 34 -5.30 -7.34 -1.11
CA SER A 34 -6.17 -6.46 -0.30
C SER A 34 -5.71 -4.98 -0.14
N PRO A 35 -5.59 -4.19 -1.24
CA PRO A 35 -5.22 -2.76 -1.16
C PRO A 35 -6.16 -1.91 -0.31
N GLU A 36 -7.40 -2.35 -0.10
CA GLU A 36 -8.40 -1.67 0.73
C GLU A 36 -7.92 -1.45 2.17
N GLU A 37 -7.13 -2.38 2.76
CA GLU A 37 -6.59 -2.24 4.13
C GLU A 37 -5.74 -0.98 4.29
N ILE A 38 -4.96 -0.65 3.26
CA ILE A 38 -4.07 0.51 3.21
C ILE A 38 -4.86 1.75 2.81
N ARG A 39 -5.68 1.64 1.75
CA ARG A 39 -6.47 2.75 1.20
C ARG A 39 -7.46 3.32 2.22
N LYS A 40 -8.07 2.49 3.08
CA LYS A 40 -8.94 2.92 4.18
C LYS A 40 -8.17 3.50 5.37
N TYR A 41 -7.05 2.88 5.76
CA TYR A 41 -6.28 3.30 6.94
C TYR A 41 -5.63 4.69 6.72
N LEU A 42 -5.19 5.00 5.50
CA LEU A 42 -4.75 6.35 5.11
C LEU A 42 -5.78 7.47 5.36
N LEU A 43 -7.09 7.17 5.40
CA LEU A 43 -8.14 8.15 5.73
C LEU A 43 -8.21 8.45 7.25
N LEU A 44 -7.91 7.46 8.09
CA LEU A 44 -7.91 7.55 9.56
C LEU A 44 -6.56 8.02 10.14
N ASN A 45 -5.46 7.59 9.52
CA ASN A 45 -4.12 7.59 10.11
C ASN A 45 -3.62 9.02 10.43
N LYS A 46 -3.46 9.31 11.73
CA LYS A 46 -2.99 10.61 12.26
C LYS A 46 -1.47 10.83 12.19
N LYS A 47 -0.68 9.87 11.68
CA LYS A 47 0.76 10.06 11.42
C LYS A 47 1.01 11.21 10.41
N SER A 48 2.21 11.79 10.48
CA SER A 48 2.54 13.15 10.02
C SER A 48 1.76 14.30 10.70
N ALA A 49 1.04 14.02 11.79
CA ALA A 49 0.47 14.99 12.74
C ALA A 49 -0.39 16.11 12.12
N HIS A 50 -1.15 15.80 11.07
CA HIS A 50 -1.98 16.79 10.35
C HIS A 50 -3.14 17.32 11.23
N PRO A 51 -3.49 18.62 11.14
CA PRO A 51 -4.55 19.23 11.95
C PRO A 51 -5.95 18.79 11.52
N GLY A 52 -6.95 19.03 12.39
CA GLY A 52 -8.37 18.83 12.08
C GLY A 52 -8.92 19.89 11.10
N PRO A 53 -9.93 19.55 10.27
CA PRO A 53 -10.52 20.48 9.30
C PRO A 53 -11.30 21.61 9.99
N ALA A 54 -11.19 22.82 9.44
CA ALA A 54 -11.88 24.05 9.88
C ALA A 54 -11.67 24.43 11.37
N ALA A 55 -10.58 23.98 12.00
CA ALA A 55 -10.25 24.27 13.40
C ALA A 55 -9.94 25.77 13.63
N ARG A 56 -10.34 26.30 14.79
CA ARG A 56 -10.19 27.71 15.22
C ARG A 56 -9.89 27.82 16.72
N SER A 57 -9.27 28.93 17.14
CA SER A 57 -9.06 29.29 18.55
C SER A 57 -10.34 29.83 19.20
N HIS A 58 -10.57 29.49 20.47
CA HIS A 58 -11.73 29.90 21.28
C HIS A 58 -11.33 30.18 22.74
N THR A 59 -12.15 30.95 23.47
CA THR A 59 -11.98 31.27 24.90
C THR A 59 -13.32 31.56 25.59
N VAL A 60 -13.36 31.36 26.91
CA VAL A 60 -14.51 31.73 27.78
C VAL A 60 -14.56 33.24 28.12
N ASN A 61 -13.48 33.99 27.85
CA ASN A 61 -13.38 35.42 28.12
C ASN A 61 -14.29 36.28 27.20
N PRO A 62 -14.73 37.48 27.64
CA PRO A 62 -15.52 38.40 26.83
C PRO A 62 -14.83 38.89 25.54
N PHE A 63 -15.64 39.37 24.59
CA PHE A 63 -15.24 39.96 23.30
C PHE A 63 -14.32 39.05 22.45
N GLY B 1 -28.55 -23.61 -44.49
CA GLY B 1 -27.25 -23.22 -43.90
C GLY B 1 -27.24 -21.77 -43.42
N SER B 2 -26.26 -21.41 -42.59
CA SER B 2 -26.05 -20.05 -42.03
C SER B 2 -24.58 -19.81 -41.68
N HIS B 3 -24.17 -18.55 -41.58
CA HIS B 3 -22.78 -18.15 -41.27
C HIS B 3 -22.38 -18.51 -39.82
N MET B 4 -21.17 -19.05 -39.65
CA MET B 4 -20.66 -19.58 -38.37
C MET B 4 -19.95 -18.53 -37.48
N ALA B 5 -19.82 -17.29 -37.95
CA ALA B 5 -19.11 -16.19 -37.30
C ALA B 5 -19.80 -14.84 -37.54
N SER B 6 -19.27 -13.77 -36.92
CA SER B 6 -19.76 -12.37 -37.04
C SER B 6 -18.61 -11.37 -37.08
N MET B 7 -18.83 -10.21 -37.70
CA MET B 7 -17.86 -9.12 -37.81
C MET B 7 -17.55 -8.45 -36.46
N LYS B 8 -18.52 -8.43 -35.52
CA LYS B 8 -18.38 -7.81 -34.19
C LYS B 8 -17.32 -8.54 -33.35
N ASN B 9 -16.26 -7.82 -32.97
CA ASN B 9 -15.10 -8.38 -32.27
C ASN B 9 -14.43 -7.43 -31.24
N ALA B 10 -14.73 -6.13 -31.26
CA ALA B 10 -14.11 -5.13 -30.39
C ALA B 10 -14.60 -5.23 -28.92
N LYS B 11 -13.69 -4.94 -27.97
CA LYS B 11 -13.94 -4.90 -26.53
C LYS B 11 -12.93 -4.00 -25.81
N GLN B 12 -13.35 -3.35 -24.71
CA GLN B 12 -12.49 -2.64 -23.76
C GLN B 12 -12.53 -3.29 -22.36
N GLU B 13 -11.44 -3.19 -21.60
CA GLU B 13 -11.32 -3.78 -20.26
C GLU B 13 -12.05 -2.95 -19.18
N HIS B 14 -12.66 -3.63 -18.21
CA HIS B 14 -13.38 -3.01 -17.08
C HIS B 14 -12.47 -2.52 -15.94
N PHE B 15 -11.24 -3.04 -15.85
CA PHE B 15 -10.40 -2.97 -14.65
C PHE B 15 -9.77 -1.59 -14.39
N GLU B 16 -9.67 -1.23 -13.10
CA GLU B 16 -9.02 0.00 -12.60
C GLU B 16 -8.16 -0.23 -11.32
N LEU B 17 -8.21 -1.43 -10.74
CA LEU B 17 -7.49 -1.81 -9.51
C LEU B 17 -5.96 -1.66 -9.61
N ASP B 18 -5.42 -1.74 -10.83
CA ASP B 18 -4.01 -1.52 -11.16
C ASP B 18 -3.48 -0.14 -10.74
N GLN B 19 -4.36 0.87 -10.63
CA GLN B 19 -4.01 2.23 -10.20
C GLN B 19 -4.23 2.49 -8.70
N GLU B 20 -5.02 1.66 -8.01
CA GLU B 20 -5.15 1.74 -6.55
C GLU B 20 -3.79 1.50 -5.87
N TRP B 21 -3.07 0.49 -6.35
CA TRP B 21 -1.76 0.09 -5.83
C TRP B 21 -0.67 1.16 -5.97
N VAL B 22 -0.62 1.91 -7.07
CA VAL B 22 0.36 2.99 -7.22
C VAL B 22 -0.03 4.24 -6.41
N GLU B 23 -1.32 4.50 -6.24
CA GLU B 23 -1.84 5.63 -5.46
C GLU B 23 -1.66 5.42 -3.95
N LEU B 24 -1.98 4.22 -3.43
CA LEU B 24 -1.81 3.88 -2.01
C LEU B 24 -0.32 3.85 -1.61
N MET B 25 0.57 3.36 -2.48
CA MET B 25 1.98 3.11 -2.13
C MET B 25 2.70 4.38 -1.64
N VAL B 26 2.63 5.47 -2.41
CA VAL B 26 3.35 6.72 -2.11
C VAL B 26 2.86 7.34 -0.79
N GLU B 27 1.54 7.38 -0.58
CA GLU B 27 0.93 7.87 0.66
C GLU B 27 1.25 6.96 1.86
N ALA B 28 1.22 5.64 1.68
CA ALA B 28 1.50 4.66 2.73
C ALA B 28 2.96 4.65 3.20
N LYS B 29 3.89 4.91 2.28
CA LYS B 29 5.32 5.10 2.57
C LYS B 29 5.60 6.40 3.32
N GLU B 30 4.93 7.50 2.94
CA GLU B 30 5.05 8.80 3.62
C GLU B 30 4.41 8.80 5.02
N ALA B 31 3.20 8.24 5.16
CA ALA B 31 2.41 8.21 6.39
C ALA B 31 2.67 6.95 7.27
N ASN B 32 3.52 6.02 6.83
CA ASN B 32 3.91 4.80 7.55
C ASN B 32 2.71 3.92 7.98
N ILE B 33 1.90 3.52 7.00
CA ILE B 33 1.02 2.34 7.14
C ILE B 33 1.89 1.05 7.27
N SER B 34 1.32 -0.10 7.64
CA SER B 34 2.02 -1.40 7.59
C SER B 34 2.29 -1.86 6.15
N PRO B 35 3.56 -2.06 5.70
CA PRO B 35 3.86 -2.88 4.52
C PRO B 35 3.95 -4.37 4.87
N GLU B 36 4.32 -4.72 6.11
CA GLU B 36 4.50 -6.11 6.54
C GLU B 36 3.19 -6.91 6.48
N GLU B 37 2.05 -6.26 6.75
CA GLU B 37 0.73 -6.88 6.61
C GLU B 37 0.47 -7.41 5.20
N ILE B 38 0.93 -6.69 4.17
CA ILE B 38 0.86 -7.13 2.75
C ILE B 38 1.98 -8.12 2.44
N ARG B 39 3.24 -7.81 2.77
CA ARG B 39 4.39 -8.67 2.41
C ARG B 39 4.31 -10.07 3.04
N LYS B 40 3.80 -10.21 4.27
CA LYS B 40 3.59 -11.53 4.91
C LYS B 40 2.43 -12.32 4.29
N TYR B 41 1.35 -11.61 3.92
CA TYR B 41 0.16 -12.17 3.26
C TYR B 41 0.51 -12.65 1.83
N LEU B 42 1.25 -11.84 1.07
CA LEU B 42 1.80 -12.17 -0.25
C LEU B 42 2.63 -13.47 -0.26
N LEU B 43 3.54 -13.66 0.70
CA LEU B 43 4.36 -14.87 0.81
C LEU B 43 3.52 -16.16 1.06
N LEU B 44 2.34 -16.02 1.64
CA LEU B 44 1.36 -17.10 1.87
C LEU B 44 0.31 -17.25 0.74
N ASN B 45 0.12 -16.23 -0.11
CA ASN B 45 -1.09 -16.04 -0.91
C ASN B 45 -0.85 -15.45 -2.32
N LYS B 46 0.29 -15.77 -2.96
CA LYS B 46 0.61 -15.22 -4.30
C LYS B 46 -0.40 -15.65 -5.39
N LYS B 47 -0.97 -16.86 -5.25
CA LYS B 47 -2.13 -17.41 -5.97
C LYS B 47 -2.10 -17.19 -7.49
N SER B 48 -3.26 -17.00 -8.13
CA SER B 48 -3.41 -16.67 -9.56
C SER B 48 -2.69 -17.63 -10.52
N ALA B 49 -2.75 -18.94 -10.21
CA ALA B 49 -2.14 -20.04 -10.98
C ALA B 49 -0.62 -19.88 -11.24
N HIS B 50 0.13 -19.37 -10.25
CA HIS B 50 1.60 -19.26 -10.30
C HIS B 50 2.28 -20.61 -10.59
N PRO B 51 3.29 -20.69 -11.48
CA PRO B 51 3.97 -21.94 -11.83
C PRO B 51 4.76 -22.56 -10.65
N GLY B 52 5.03 -23.87 -10.78
CA GLY B 52 5.81 -24.66 -9.82
C GLY B 52 5.34 -26.11 -9.76
N PRO B 53 4.22 -26.42 -9.07
CA PRO B 53 3.63 -27.76 -9.00
C PRO B 53 3.19 -28.31 -10.36
N ALA B 54 3.10 -29.64 -10.47
CA ALA B 54 2.55 -30.38 -11.62
C ALA B 54 3.16 -29.99 -13.00
N ALA B 55 4.48 -29.79 -13.05
CA ALA B 55 5.21 -29.44 -14.27
C ALA B 55 5.12 -30.53 -15.37
N ARG B 56 5.14 -30.10 -16.64
CA ARG B 56 4.86 -30.93 -17.84
C ARG B 56 6.04 -31.02 -18.82
N SER B 57 7.26 -30.73 -18.36
CA SER B 57 8.49 -30.70 -19.15
C SER B 57 8.81 -32.06 -19.81
N HIS B 58 9.31 -32.03 -21.05
CA HIS B 58 9.69 -33.22 -21.82
C HIS B 58 10.96 -33.91 -21.28
N THR B 59 11.08 -35.21 -21.51
CA THR B 59 12.27 -36.02 -21.17
C THR B 59 13.48 -35.67 -22.05
N VAL B 60 14.67 -35.64 -21.45
CA VAL B 60 15.95 -35.37 -22.16
C VAL B 60 16.40 -36.61 -22.95
N ASN B 61 16.81 -36.43 -24.20
CA ASN B 61 17.30 -37.51 -25.07
C ASN B 61 18.69 -38.04 -24.65
N PRO B 62 18.98 -39.34 -24.85
CA PRO B 62 20.30 -39.92 -24.53
C PRO B 62 21.42 -39.39 -25.44
N PHE B 63 22.65 -39.38 -24.90
CA PHE B 63 23.88 -38.98 -25.61
C PHE B 63 24.30 -40.00 -26.70
N GLY A 1 11.73 5.50 40.67
CA GLY A 1 10.72 4.73 39.89
C GLY A 1 11.35 4.07 38.67
N SER A 2 10.74 2.98 38.19
CA SER A 2 11.18 2.24 36.99
C SER A 2 10.98 3.03 35.69
N HIS A 3 11.84 2.81 34.68
CA HIS A 3 11.73 3.43 33.36
C HIS A 3 10.58 2.81 32.55
N MET A 4 9.47 3.53 32.41
CA MET A 4 8.26 3.07 31.74
C MET A 4 8.39 3.04 30.21
N ALA A 5 7.61 2.18 29.54
CA ALA A 5 7.58 2.08 28.07
C ALA A 5 7.09 3.36 27.37
N SER A 6 6.39 4.25 28.08
CA SER A 6 5.95 5.58 27.61
C SER A 6 7.09 6.61 27.50
N MET A 7 8.23 6.37 28.16
CA MET A 7 9.40 7.26 28.17
C MET A 7 10.21 7.15 26.87
N LYS A 8 10.83 8.26 26.42
CA LYS A 8 11.40 8.41 25.08
C LYS A 8 12.52 7.40 24.73
N ASN A 9 13.28 6.93 25.71
CA ASN A 9 14.38 5.97 25.52
C ASN A 9 13.92 4.53 25.21
N ALA A 10 12.63 4.22 25.34
CA ALA A 10 12.06 2.89 25.11
C ALA A 10 12.01 2.46 23.61
N LYS A 11 12.34 3.36 22.68
CA LYS A 11 12.38 3.14 21.22
C LYS A 11 13.60 3.79 20.55
N GLN A 12 13.86 3.38 19.30
CA GLN A 12 14.98 3.86 18.48
C GLN A 12 14.63 3.90 16.98
N GLU A 13 13.38 4.26 16.67
CA GLU A 13 12.84 4.49 15.31
C GLU A 13 13.07 3.32 14.33
N HIS A 14 12.69 2.10 14.75
CA HIS A 14 12.59 0.95 13.84
C HIS A 14 11.47 1.11 12.80
N PHE A 15 11.75 0.73 11.54
CA PHE A 15 10.79 0.65 10.44
C PHE A 15 11.29 -0.29 9.33
N GLU A 16 10.38 -0.77 8.48
CA GLU A 16 10.66 -1.74 7.40
C GLU A 16 11.42 -1.12 6.19
N LEU A 17 11.29 0.19 6.00
CA LEU A 17 11.89 0.99 4.92
C LEU A 17 13.44 1.05 5.03
N ASP A 18 14.19 1.39 3.98
CA ASP A 18 13.80 1.81 2.63
C ASP A 18 13.31 0.67 1.71
N GLN A 19 12.67 1.05 0.60
CA GLN A 19 12.28 0.21 -0.55
C GLN A 19 11.31 -0.97 -0.31
N GLU A 20 10.86 -1.20 0.92
CA GLU A 20 9.82 -2.21 1.24
C GLU A 20 8.57 -2.01 0.37
N TRP A 21 8.04 -0.78 0.39
CA TRP A 21 6.81 -0.38 -0.32
C TRP A 21 6.86 -0.55 -1.83
N VAL A 22 8.02 -0.39 -2.48
CA VAL A 22 8.12 -0.41 -3.95
C VAL A 22 8.04 -1.84 -4.49
N GLU A 23 8.79 -2.78 -3.91
CA GLU A 23 8.69 -4.20 -4.27
C GLU A 23 7.32 -4.77 -3.86
N LEU A 24 6.85 -4.42 -2.67
CA LEU A 24 5.53 -4.76 -2.13
C LEU A 24 4.41 -4.34 -3.09
N MET A 25 4.42 -3.09 -3.58
CA MET A 25 3.38 -2.55 -4.46
C MET A 25 3.23 -3.37 -5.75
N VAL A 26 4.34 -3.67 -6.42
CA VAL A 26 4.36 -4.44 -7.67
C VAL A 26 3.90 -5.88 -7.45
N GLU A 27 4.46 -6.57 -6.45
CA GLU A 27 4.09 -7.96 -6.15
C GLU A 27 2.63 -8.09 -5.68
N ALA A 28 2.12 -7.15 -4.87
CA ALA A 28 0.75 -7.15 -4.38
C ALA A 28 -0.29 -6.85 -5.46
N LYS A 29 0.03 -6.02 -6.46
CA LYS A 29 -0.77 -5.86 -7.68
C LYS A 29 -0.84 -7.16 -8.48
N GLU A 30 0.30 -7.82 -8.73
CA GLU A 30 0.36 -9.08 -9.48
C GLU A 30 -0.33 -10.25 -8.77
N ALA A 31 -0.25 -10.32 -7.43
CA ALA A 31 -0.91 -11.33 -6.61
C ALA A 31 -2.40 -11.04 -6.31
N ASN A 32 -2.83 -9.79 -6.49
CA ASN A 32 -4.09 -9.24 -5.95
C ASN A 32 -4.26 -9.54 -4.45
N ILE A 33 -3.34 -8.99 -3.64
CA ILE A 33 -3.61 -8.71 -2.22
C ILE A 33 -4.66 -7.57 -2.13
N SER A 34 -5.19 -7.28 -0.94
CA SER A 34 -6.21 -6.24 -0.69
C SER A 34 -5.63 -4.81 -0.56
N PRO A 35 -5.79 -3.89 -1.54
CA PRO A 35 -5.37 -2.49 -1.41
C PRO A 35 -6.27 -1.63 -0.52
N GLU A 36 -7.57 -1.95 -0.44
CA GLU A 36 -8.53 -1.12 0.30
C GLU A 36 -8.21 -1.06 1.81
N GLU A 37 -7.59 -2.11 2.36
CA GLU A 37 -7.10 -2.15 3.75
C GLU A 37 -6.05 -1.06 4.03
N ILE A 38 -5.13 -0.80 3.10
CA ILE A 38 -4.15 0.28 3.20
C ILE A 38 -4.83 1.62 2.93
N ARG A 39 -5.65 1.74 1.88
CA ARG A 39 -6.36 2.99 1.56
C ARG A 39 -7.21 3.50 2.75
N LYS A 40 -8.04 2.66 3.37
CA LYS A 40 -8.89 3.08 4.51
C LYS A 40 -8.09 3.46 5.74
N TYR A 41 -7.00 2.74 6.03
CA TYR A 41 -6.07 3.02 7.13
C TYR A 41 -5.34 4.36 6.88
N LEU A 42 -4.76 4.58 5.70
CA LEU A 42 -4.14 5.85 5.29
C LEU A 42 -5.11 7.05 5.42
N LEU A 43 -6.33 6.93 4.90
CA LEU A 43 -7.32 8.00 4.94
C LEU A 43 -7.81 8.34 6.36
N LEU A 44 -7.84 7.36 7.28
CA LEU A 44 -8.06 7.61 8.71
C LEU A 44 -6.84 8.27 9.36
N ASN A 45 -5.66 7.71 9.09
CA ASN A 45 -4.43 7.98 9.82
C ASN A 45 -3.70 9.24 9.31
N LYS A 46 -4.41 10.38 9.24
CA LYS A 46 -3.91 11.72 8.88
C LYS A 46 -3.05 12.33 10.00
N LYS A 47 -1.98 11.63 10.33
CA LYS A 47 -1.04 11.85 11.45
C LYS A 47 -0.16 13.10 11.28
N SER A 48 0.38 13.58 12.40
CA SER A 48 1.29 14.74 12.50
C SER A 48 2.21 14.63 13.73
N ALA A 49 3.33 15.35 13.73
CA ALA A 49 4.29 15.40 14.85
C ALA A 49 3.71 16.09 16.11
N HIS A 50 2.73 16.98 15.95
CA HIS A 50 2.05 17.70 17.04
C HIS A 50 0.65 18.19 16.60
N PRO A 51 -0.30 18.41 17.53
CA PRO A 51 -1.58 19.07 17.24
C PRO A 51 -1.39 20.56 16.88
N GLY A 52 -2.44 21.18 16.32
CA GLY A 52 -2.47 22.62 16.04
C GLY A 52 -2.50 23.49 17.33
N PRO A 53 -1.94 24.71 17.30
CA PRO A 53 -1.91 25.61 18.47
C PRO A 53 -3.30 26.16 18.83
N ALA A 54 -3.59 26.22 20.14
CA ALA A 54 -4.83 26.69 20.77
C ALA A 54 -6.13 25.93 20.37
N ALA A 55 -7.21 26.16 21.12
CA ALA A 55 -8.54 25.63 20.83
C ALA A 55 -9.21 26.39 19.66
N ARG A 56 -9.99 25.67 18.83
CA ARG A 56 -10.76 26.25 17.71
C ARG A 56 -11.99 27.02 18.20
N SER A 57 -12.23 28.22 17.65
CA SER A 57 -13.41 29.06 17.88
C SER A 57 -14.67 28.54 17.16
N HIS A 58 -14.95 27.25 17.32
CA HIS A 58 -15.98 26.48 16.60
C HIS A 58 -17.44 26.82 17.00
N THR A 59 -17.65 27.48 18.15
CA THR A 59 -18.98 27.89 18.65
C THR A 59 -18.89 29.12 19.56
N VAL A 60 -20.01 29.84 19.72
CA VAL A 60 -20.13 31.02 20.60
C VAL A 60 -20.19 30.62 22.09
N ASN A 61 -19.72 31.49 22.99
CA ASN A 61 -19.81 31.31 24.44
C ASN A 61 -21.28 31.35 24.95
N PRO A 62 -21.62 30.65 26.04
CA PRO A 62 -22.94 30.72 26.67
C PRO A 62 -23.16 32.07 27.37
N PHE A 63 -24.43 32.51 27.42
CA PHE A 63 -24.90 33.75 28.08
C PHE A 63 -26.28 33.55 28.73
N GLY B 1 -25.66 11.43 -41.20
CA GLY B 1 -24.37 11.30 -40.50
C GLY B 1 -24.49 10.43 -39.25
N SER B 2 -23.39 9.80 -38.83
CA SER B 2 -23.31 8.99 -37.61
C SER B 2 -23.37 9.83 -36.32
N HIS B 3 -23.73 9.19 -35.20
CA HIS B 3 -23.92 9.82 -33.89
C HIS B 3 -23.73 8.84 -32.72
N MET B 4 -23.37 9.36 -31.54
CA MET B 4 -23.11 8.59 -30.32
C MET B 4 -24.35 7.86 -29.75
N ALA B 5 -25.56 8.17 -30.23
CA ALA B 5 -26.78 7.42 -29.93
C ALA B 5 -26.77 5.98 -30.50
N SER B 6 -25.90 5.68 -31.48
CA SER B 6 -25.77 4.35 -32.10
C SER B 6 -24.99 3.31 -31.26
N MET B 7 -24.49 3.70 -30.09
CA MET B 7 -23.55 2.91 -29.26
C MET B 7 -23.73 3.17 -27.76
N LYS B 8 -23.17 2.29 -26.92
CA LYS B 8 -23.08 2.50 -25.46
C LYS B 8 -22.03 3.56 -25.12
N ASN B 9 -22.30 4.38 -24.10
CA ASN B 9 -21.46 5.52 -23.66
C ASN B 9 -21.09 5.47 -22.17
N ALA B 10 -21.35 4.35 -21.49
CA ALA B 10 -21.00 4.12 -20.08
C ALA B 10 -19.49 3.90 -19.85
N LYS B 11 -19.05 4.02 -18.59
CA LYS B 11 -17.65 3.83 -18.14
C LYS B 11 -17.57 3.27 -16.71
N GLN B 12 -16.39 2.81 -16.30
CA GLN B 12 -16.08 2.55 -14.89
C GLN B 12 -15.89 3.88 -14.13
N GLU B 13 -16.67 4.10 -13.08
CA GLU B 13 -16.54 5.28 -12.19
C GLU B 13 -15.36 5.14 -11.20
N HIS B 14 -14.86 3.92 -11.00
CA HIS B 14 -13.69 3.56 -10.21
C HIS B 14 -13.02 2.31 -10.81
N PHE B 15 -11.72 2.39 -11.09
CA PHE B 15 -11.00 1.34 -11.84
C PHE B 15 -10.66 0.13 -10.96
N GLU B 16 -10.85 -1.07 -11.49
CA GLU B 16 -10.57 -2.33 -10.77
C GLU B 16 -9.06 -2.65 -10.72
N LEU B 17 -8.54 -2.88 -9.51
CA LEU B 17 -7.16 -3.28 -9.13
C LEU B 17 -6.01 -2.33 -9.55
N ASP B 18 -5.95 -1.93 -10.82
CA ASP B 18 -4.88 -1.07 -11.36
C ASP B 18 -4.95 0.38 -10.84
N GLN B 19 -3.80 1.05 -10.78
CA GLN B 19 -3.52 2.37 -10.21
C GLN B 19 -3.82 2.53 -8.70
N GLU B 20 -4.77 1.78 -8.13
CA GLU B 20 -5.06 1.76 -6.68
C GLU B 20 -3.80 1.48 -5.86
N TRP B 21 -3.00 0.51 -6.29
CA TRP B 21 -1.74 0.13 -5.68
C TRP B 21 -0.67 1.24 -5.71
N VAL B 22 -0.69 2.12 -6.71
CA VAL B 22 0.17 3.32 -6.75
C VAL B 22 -0.40 4.42 -5.84
N GLU B 23 -1.71 4.65 -5.91
CA GLU B 23 -2.43 5.70 -5.18
C GLU B 23 -2.38 5.50 -3.64
N LEU B 24 -2.47 4.25 -3.17
CA LEU B 24 -2.23 3.92 -1.76
C LEU B 24 -0.75 4.07 -1.41
N MET B 25 0.17 3.54 -2.23
CA MET B 25 1.60 3.41 -1.85
C MET B 25 2.29 4.77 -1.72
N VAL B 26 2.03 5.71 -2.64
CA VAL B 26 2.68 7.03 -2.65
C VAL B 26 2.45 7.82 -1.34
N GLU B 27 1.29 7.67 -0.70
CA GLU B 27 1.01 8.24 0.63
C GLU B 27 1.37 7.28 1.79
N ALA B 28 1.07 5.98 1.67
CA ALA B 28 1.34 4.97 2.69
C ALA B 28 2.83 4.78 3.01
N LYS B 29 3.72 5.02 2.03
CA LYS B 29 5.18 5.05 2.21
C LYS B 29 5.65 6.20 3.10
N GLU B 30 4.98 7.35 3.08
CA GLU B 30 5.25 8.47 3.99
C GLU B 30 4.59 8.27 5.37
N ALA B 31 3.37 7.74 5.40
CA ALA B 31 2.61 7.49 6.63
C ALA B 31 3.00 6.19 7.38
N ASN B 32 3.74 5.28 6.76
CA ASN B 32 4.13 3.96 7.27
C ASN B 32 2.94 3.05 7.66
N ILE B 33 1.98 2.87 6.75
CA ILE B 33 0.79 2.01 6.93
C ILE B 33 1.14 0.50 6.79
N SER B 34 1.92 -0.02 7.74
CA SER B 34 2.13 -1.46 7.98
C SER B 34 2.43 -2.32 6.73
N PRO B 35 3.53 -2.07 5.97
CA PRO B 35 3.87 -2.85 4.77
C PRO B 35 4.14 -4.33 5.06
N GLU B 36 4.50 -4.68 6.31
CA GLU B 36 4.64 -6.07 6.75
C GLU B 36 3.34 -6.88 6.53
N GLU B 37 2.16 -6.27 6.67
CA GLU B 37 0.86 -6.94 6.44
C GLU B 37 0.74 -7.45 5.00
N ILE B 38 1.13 -6.64 4.02
CA ILE B 38 1.07 -7.00 2.60
C ILE B 38 2.16 -8.01 2.26
N ARG B 39 3.39 -7.82 2.77
CA ARG B 39 4.48 -8.79 2.57
C ARG B 39 4.18 -10.17 3.19
N LYS B 40 3.66 -10.25 4.41
CA LYS B 40 3.32 -11.54 5.05
C LYS B 40 2.15 -12.25 4.36
N TYR B 41 1.19 -11.49 3.86
CA TYR B 41 0.12 -12.00 2.98
C TYR B 41 0.71 -12.58 1.68
N LEU B 42 1.60 -11.86 0.96
CA LEU B 42 2.33 -12.40 -0.21
C LEU B 42 3.09 -13.71 0.10
N LEU B 43 3.81 -13.76 1.23
CA LEU B 43 4.57 -14.93 1.69
C LEU B 43 3.69 -16.16 2.05
N LEU B 44 2.43 -15.94 2.42
CA LEU B 44 1.42 -17.01 2.59
C LEU B 44 0.73 -17.37 1.26
N ASN B 45 0.45 -16.36 0.41
CA ASN B 45 -0.27 -16.49 -0.85
C ASN B 45 0.47 -17.33 -1.90
N LYS B 46 1.80 -17.19 -2.00
CA LYS B 46 2.71 -18.08 -2.76
C LYS B 46 2.28 -18.34 -4.22
N LYS B 47 1.79 -17.29 -4.89
CA LYS B 47 1.32 -17.31 -6.29
C LYS B 47 2.40 -17.67 -7.33
N SER B 48 1.97 -17.92 -8.56
CA SER B 48 2.82 -18.17 -9.74
C SER B 48 2.15 -17.65 -11.03
N ALA B 49 2.93 -17.48 -12.10
CA ALA B 49 2.45 -16.96 -13.38
C ALA B 49 1.40 -17.86 -14.05
N HIS B 50 0.40 -17.26 -14.70
CA HIS B 50 -0.68 -17.98 -15.39
C HIS B 50 -0.15 -18.68 -16.67
N PRO B 51 -0.50 -19.96 -16.92
CA PRO B 51 -0.01 -20.71 -18.09
C PRO B 51 -0.59 -20.19 -19.42
N GLY B 52 0.16 -20.38 -20.51
CA GLY B 52 -0.25 -20.03 -21.87
C GLY B 52 0.87 -20.26 -22.91
N PRO B 53 0.53 -20.30 -24.23
CA PRO B 53 1.48 -20.61 -25.30
C PRO B 53 2.58 -19.55 -25.50
N ALA B 54 2.35 -18.32 -25.02
CA ALA B 54 3.33 -17.23 -25.06
C ALA B 54 4.48 -17.37 -24.03
N ALA B 55 4.31 -18.19 -22.98
CA ALA B 55 5.31 -18.39 -21.93
C ALA B 55 6.49 -19.25 -22.41
N ARG B 56 7.73 -18.85 -22.05
CA ARG B 56 8.99 -19.55 -22.37
C ARG B 56 10.09 -19.22 -21.37
N SER B 57 11.09 -20.09 -21.26
CA SER B 57 12.32 -19.84 -20.49
C SER B 57 13.22 -18.76 -21.13
N HIS B 58 14.34 -18.42 -20.48
CA HIS B 58 15.39 -17.55 -21.05
C HIS B 58 16.11 -18.23 -22.25
N THR B 59 16.23 -19.56 -22.21
CA THR B 59 16.60 -20.40 -23.37
C THR B 59 15.41 -20.60 -24.33
N VAL B 60 15.68 -20.93 -25.59
CA VAL B 60 14.66 -21.34 -26.58
C VAL B 60 13.95 -22.64 -26.19
N ASN B 61 14.55 -23.47 -25.34
CA ASN B 61 13.95 -24.70 -24.80
C ASN B 61 12.70 -24.39 -23.94
N PRO B 62 11.65 -25.23 -23.93
CA PRO B 62 10.56 -25.14 -22.95
C PRO B 62 11.05 -25.40 -21.51
N PHE B 63 10.20 -25.08 -20.53
CA PHE B 63 10.45 -25.26 -19.09
C PHE B 63 10.72 -26.74 -18.70
N GLY A 1 36.41 22.49 20.38
CA GLY A 1 36.24 21.08 20.84
C GLY A 1 35.43 20.28 19.84
N SER A 2 35.90 19.10 19.46
CA SER A 2 35.31 18.27 18.40
C SER A 2 33.96 17.60 18.72
N HIS A 3 33.60 17.51 20.01
CA HIS A 3 32.38 16.84 20.51
C HIS A 3 32.24 15.36 20.06
N MET A 4 33.37 14.67 19.85
CA MET A 4 33.43 13.25 19.46
C MET A 4 32.97 12.32 20.60
N ALA A 5 32.31 11.21 20.26
CA ALA A 5 31.83 10.19 21.21
C ALA A 5 31.82 8.79 20.59
N SER A 6 31.94 7.76 21.44
CA SER A 6 31.96 6.33 21.07
C SER A 6 30.56 5.71 20.86
N MET A 7 29.49 6.48 21.06
CA MET A 7 28.08 6.02 20.99
C MET A 7 27.69 5.51 19.59
N LYS A 8 26.89 4.43 19.54
CA LYS A 8 26.36 3.83 18.31
C LYS A 8 25.26 4.71 17.67
N ASN A 9 25.20 4.74 16.35
CA ASN A 9 24.18 5.47 15.58
C ASN A 9 22.78 4.83 15.69
N ALA A 10 21.72 5.62 15.46
CA ALA A 10 20.32 5.20 15.48
C ALA A 10 19.45 6.04 14.51
N LYS A 11 18.33 5.48 14.06
CA LYS A 11 17.38 6.13 13.12
C LYS A 11 16.64 7.31 13.77
N GLN A 12 16.45 8.38 12.99
CA GLN A 12 15.69 9.57 13.37
C GLN A 12 14.18 9.29 13.49
N GLU A 13 13.46 10.18 14.17
CA GLU A 13 12.01 10.13 14.39
C GLU A 13 11.18 10.46 13.12
N HIS A 14 11.82 10.44 11.95
CA HIS A 14 11.20 10.59 10.64
C HIS A 14 10.33 9.37 10.27
N PHE A 15 10.71 8.17 10.74
CA PHE A 15 10.13 6.88 10.35
C PHE A 15 10.05 6.72 8.81
N GLU A 16 11.08 7.23 8.11
CA GLU A 16 11.18 7.28 6.65
C GLU A 16 11.16 5.87 6.04
N LEU A 17 10.45 5.73 4.91
CA LEU A 17 10.23 4.47 4.19
C LEU A 17 10.08 4.73 2.68
N ASP A 18 10.47 3.75 1.88
CA ASP A 18 10.34 3.75 0.42
C ASP A 18 10.46 2.34 -0.19
N GLN A 19 11.58 1.66 0.03
CA GLN A 19 11.92 0.43 -0.71
C GLN A 19 11.04 -0.78 -0.37
N GLU A 20 10.56 -0.92 0.87
CA GLU A 20 9.56 -1.95 1.21
C GLU A 20 8.26 -1.71 0.44
N TRP A 21 7.83 -0.45 0.37
CA TRP A 21 6.59 -0.01 -0.26
C TRP A 21 6.59 -0.14 -1.79
N VAL A 22 7.72 0.12 -2.47
CA VAL A 22 7.81 -0.15 -3.93
C VAL A 22 7.94 -1.65 -4.23
N GLU A 23 8.60 -2.43 -3.37
CA GLU A 23 8.74 -3.88 -3.52
C GLU A 23 7.39 -4.60 -3.36
N LEU A 24 6.64 -4.28 -2.29
CA LEU A 24 5.34 -4.91 -2.04
C LEU A 24 4.30 -4.51 -3.11
N MET A 25 4.31 -3.28 -3.63
CA MET A 25 3.21 -2.82 -4.51
C MET A 25 3.12 -3.60 -5.83
N VAL A 26 4.27 -4.03 -6.39
CA VAL A 26 4.33 -4.83 -7.62
C VAL A 26 3.91 -6.28 -7.35
N GLU A 27 4.45 -6.90 -6.30
CA GLU A 27 4.12 -8.29 -5.94
C GLU A 27 2.66 -8.45 -5.47
N ALA A 28 2.12 -7.46 -4.75
CA ALA A 28 0.72 -7.44 -4.31
C ALA A 28 -0.29 -7.20 -5.45
N LYS A 29 0.10 -6.44 -6.48
CA LYS A 29 -0.65 -6.30 -7.73
C LYS A 29 -0.75 -7.64 -8.47
N GLU A 30 0.37 -8.36 -8.64
CA GLU A 30 0.40 -9.66 -9.32
C GLU A 30 -0.24 -10.80 -8.51
N ALA A 31 -0.08 -10.80 -7.18
CA ALA A 31 -0.76 -11.73 -6.27
C ALA A 31 -2.20 -11.31 -5.92
N ASN A 32 -2.65 -10.14 -6.38
CA ASN A 32 -3.98 -9.55 -6.15
C ASN A 32 -4.42 -9.57 -4.68
N ILE A 33 -3.59 -8.99 -3.81
CA ILE A 33 -3.89 -8.72 -2.40
C ILE A 33 -4.92 -7.57 -2.28
N SER A 34 -5.42 -7.27 -1.08
CA SER A 34 -6.32 -6.14 -0.80
C SER A 34 -5.60 -4.78 -0.70
N PRO A 35 -5.72 -3.86 -1.67
CA PRO A 35 -5.28 -2.46 -1.51
C PRO A 35 -6.18 -1.67 -0.56
N GLU A 36 -7.46 -2.08 -0.43
CA GLU A 36 -8.43 -1.40 0.42
C GLU A 36 -7.97 -1.33 1.90
N GLU A 37 -7.25 -2.35 2.37
CA GLU A 37 -6.67 -2.41 3.72
C GLU A 37 -5.74 -1.22 4.00
N ILE A 38 -4.96 -0.79 3.02
CA ILE A 38 -4.07 0.38 3.08
C ILE A 38 -4.88 1.66 2.82
N ARG A 39 -5.73 1.63 1.80
CA ARG A 39 -6.53 2.79 1.35
C ARG A 39 -7.45 3.36 2.44
N LYS A 40 -8.08 2.50 3.25
CA LYS A 40 -8.90 2.90 4.41
C LYS A 40 -8.05 3.35 5.61
N TYR A 41 -6.92 2.70 5.84
CA TYR A 41 -6.01 2.96 6.97
C TYR A 41 -5.35 4.35 6.81
N LEU A 42 -5.01 4.77 5.59
CA LEU A 42 -4.57 6.15 5.29
C LEU A 42 -5.54 7.26 5.76
N LEU A 43 -6.84 6.98 5.90
CA LEU A 43 -7.84 7.92 6.44
C LEU A 43 -7.84 7.96 7.99
N LEU A 44 -7.63 6.80 8.63
CA LEU A 44 -7.60 6.63 10.09
C LEU A 44 -6.26 7.01 10.72
N ASN A 45 -5.17 6.82 9.99
CA ASN A 45 -3.82 6.75 10.53
C ASN A 45 -3.34 8.08 11.15
N LYS A 46 -3.03 8.02 12.46
CA LYS A 46 -2.42 9.11 13.26
C LYS A 46 -1.04 8.73 13.85
N LYS A 47 -0.36 7.70 13.30
CA LYS A 47 1.00 7.28 13.70
C LYS A 47 2.05 8.35 13.39
N SER A 48 3.18 8.31 14.11
CA SER A 48 4.30 9.24 13.93
C SER A 48 5.06 8.99 12.63
N ALA A 49 5.34 10.09 11.90
CA ALA A 49 6.20 10.18 10.73
C ALA A 49 6.52 11.66 10.44
N HIS A 50 7.70 11.96 9.90
CA HIS A 50 8.12 13.32 9.55
C HIS A 50 8.99 13.33 8.27
N PRO A 51 8.88 14.36 7.40
CA PRO A 51 9.74 14.50 6.21
C PRO A 51 11.18 14.91 6.54
N GLY A 52 11.35 15.58 7.67
CA GLY A 52 12.63 16.17 8.09
C GLY A 52 13.06 17.29 7.13
N PRO A 53 14.26 17.21 6.50
CA PRO A 53 14.71 18.20 5.50
C PRO A 53 14.01 18.10 4.14
N ALA A 54 13.23 17.04 3.87
CA ALA A 54 12.64 16.79 2.54
C ALA A 54 11.51 17.76 2.14
N ALA A 55 10.92 18.50 3.10
CA ALA A 55 9.75 19.38 2.87
C ALA A 55 9.98 20.87 3.20
N ARG A 56 11.14 21.25 3.74
CA ARG A 56 11.46 22.63 4.18
C ARG A 56 12.97 22.92 4.09
N SER A 57 13.33 24.17 3.81
CA SER A 57 14.73 24.63 3.58
C SER A 57 15.66 24.39 4.78
N HIS A 58 15.11 24.35 5.99
CA HIS A 58 15.71 23.72 7.18
C HIS A 58 14.75 22.65 7.72
N THR A 59 15.26 21.55 8.25
CA THR A 59 14.46 20.39 8.69
C THR A 59 13.35 20.75 9.69
N VAL A 60 12.21 20.05 9.59
CA VAL A 60 11.12 20.12 10.59
C VAL A 60 11.42 19.34 11.88
N ASN A 61 12.55 18.60 11.93
CA ASN A 61 13.03 17.86 13.09
C ASN A 61 14.53 18.14 13.35
N PRO A 62 14.88 19.31 13.94
CA PRO A 62 16.27 19.74 14.16
C PRO A 62 17.10 18.78 15.03
N PHE A 63 18.40 18.71 14.73
CA PHE A 63 19.42 17.97 15.49
C PHE A 63 19.77 18.65 16.83
N GLY B 1 -7.77 6.79 -43.20
CA GLY B 1 -8.46 6.44 -41.95
C GLY B 1 -9.49 5.34 -42.16
N SER B 2 -10.57 5.35 -41.37
CA SER B 2 -11.69 4.38 -41.44
C SER B 2 -13.00 4.97 -40.93
N HIS B 3 -14.13 4.36 -41.31
CA HIS B 3 -15.47 4.76 -40.85
C HIS B 3 -15.77 4.38 -39.39
N MET B 4 -15.08 3.37 -38.86
CA MET B 4 -15.20 2.87 -37.48
C MET B 4 -13.89 2.18 -37.04
N ALA B 5 -13.27 2.67 -35.96
CA ALA B 5 -12.00 2.14 -35.45
C ALA B 5 -12.13 0.74 -34.79
N SER B 6 -13.26 0.47 -34.12
CA SER B 6 -13.61 -0.83 -33.52
C SER B 6 -15.12 -0.95 -33.28
N MET B 7 -15.65 -2.16 -33.43
CA MET B 7 -17.06 -2.50 -33.13
C MET B 7 -17.33 -2.67 -31.61
N LYS B 8 -16.28 -2.73 -30.77
CA LYS B 8 -16.39 -2.94 -29.32
C LYS B 8 -17.08 -1.76 -28.61
N ASN B 9 -17.83 -2.05 -27.54
CA ASN B 9 -18.41 -1.06 -26.64
C ASN B 9 -17.34 -0.27 -25.86
N ALA B 10 -17.71 0.91 -25.35
CA ALA B 10 -16.85 1.77 -24.52
C ALA B 10 -16.53 1.13 -23.15
N LYS B 11 -15.39 1.54 -22.55
CA LYS B 11 -14.94 1.06 -21.23
C LYS B 11 -15.92 1.43 -20.12
N GLN B 12 -16.25 0.44 -19.28
CA GLN B 12 -17.14 0.57 -18.12
C GLN B 12 -16.39 1.03 -16.86
N GLU B 13 -17.14 1.24 -15.78
CA GLU B 13 -16.66 1.78 -14.49
C GLU B 13 -15.79 0.80 -13.67
N HIS B 14 -15.62 -0.44 -14.14
CA HIS B 14 -14.82 -1.50 -13.51
C HIS B 14 -13.30 -1.32 -13.73
N PHE B 15 -12.75 -0.19 -13.28
CA PHE B 15 -11.32 0.15 -13.39
C PHE B 15 -10.40 -0.82 -12.63
N GLU B 16 -9.19 -0.98 -13.16
CA GLU B 16 -8.18 -1.96 -12.74
C GLU B 16 -7.55 -1.68 -11.37
N LEU B 17 -7.06 -2.75 -10.72
CA LEU B 17 -6.32 -2.71 -9.44
C LEU B 17 -4.98 -1.96 -9.55
N ASP B 18 -4.40 -1.92 -10.75
CA ASP B 18 -3.03 -1.44 -11.01
C ASP B 18 -2.77 -0.03 -10.47
N GLN B 19 -3.70 0.91 -10.71
CA GLN B 19 -3.57 2.31 -10.28
C GLN B 19 -3.78 2.48 -8.76
N GLU B 20 -4.64 1.66 -8.13
CA GLU B 20 -4.86 1.71 -6.68
C GLU B 20 -3.57 1.37 -5.93
N TRP B 21 -2.84 0.34 -6.39
CA TRP B 21 -1.58 -0.10 -5.81
C TRP B 21 -0.45 0.93 -5.92
N VAL B 22 -0.44 1.78 -6.97
CA VAL B 22 0.45 2.95 -7.04
C VAL B 22 -0.02 4.05 -6.09
N GLU B 23 -1.31 4.38 -6.10
CA GLU B 23 -1.87 5.50 -5.34
C GLU B 23 -1.72 5.33 -3.82
N LEU B 24 -1.98 4.12 -3.30
CA LEU B 24 -1.76 3.80 -1.88
C LEU B 24 -0.27 3.80 -1.53
N MET B 25 0.60 3.28 -2.42
CA MET B 25 2.05 3.16 -2.18
C MET B 25 2.71 4.53 -1.99
N VAL B 26 2.39 5.48 -2.87
CA VAL B 26 2.96 6.83 -2.88
C VAL B 26 2.72 7.56 -1.55
N GLU B 27 1.53 7.41 -0.95
CA GLU B 27 1.19 8.02 0.35
C GLU B 27 1.63 7.19 1.57
N ALA B 28 1.44 5.87 1.56
CA ALA B 28 1.70 5.00 2.72
C ALA B 28 3.16 5.01 3.21
N LYS B 29 4.12 5.21 2.29
CA LYS B 29 5.55 5.33 2.61
C LYS B 29 5.90 6.64 3.34
N GLU B 30 5.16 7.72 3.07
CA GLU B 30 5.26 9.00 3.80
C GLU B 30 4.46 8.96 5.12
N ALA B 31 3.27 8.37 5.08
CA ALA B 31 2.32 8.33 6.20
C ALA B 31 2.64 7.25 7.25
N ASN B 32 3.51 6.28 6.92
CA ASN B 32 3.91 5.17 7.80
C ASN B 32 2.73 4.27 8.20
N ILE B 33 1.96 3.80 7.20
CA ILE B 33 1.14 2.57 7.30
C ILE B 33 2.08 1.35 7.38
N SER B 34 1.59 0.20 7.86
CA SER B 34 2.32 -1.08 7.90
C SER B 34 2.46 -1.77 6.52
N PRO B 35 3.66 -1.87 5.92
CA PRO B 35 3.89 -2.69 4.71
C PRO B 35 3.96 -4.19 5.02
N GLU B 36 4.29 -4.57 6.26
CA GLU B 36 4.44 -5.97 6.66
C GLU B 36 3.13 -6.76 6.49
N GLU B 37 1.97 -6.11 6.66
CA GLU B 37 0.64 -6.69 6.43
C GLU B 37 0.47 -7.18 4.98
N ILE B 38 0.98 -6.43 4.00
CA ILE B 38 0.93 -6.80 2.59
C ILE B 38 2.02 -7.82 2.27
N ARG B 39 3.25 -7.61 2.76
CA ARG B 39 4.39 -8.52 2.51
C ARG B 39 4.15 -9.95 3.02
N LYS B 40 3.55 -10.12 4.21
CA LYS B 40 3.19 -11.46 4.73
C LYS B 40 2.05 -12.11 3.93
N TYR B 41 1.05 -11.33 3.53
CA TYR B 41 -0.12 -11.79 2.79
C TYR B 41 0.27 -12.28 1.38
N LEU B 42 1.08 -11.54 0.62
CA LEU B 42 1.57 -12.03 -0.69
C LEU B 42 2.50 -13.24 -0.59
N LEU B 43 3.23 -13.40 0.52
CA LEU B 43 4.09 -14.56 0.76
C LEU B 43 3.29 -15.85 1.03
N LEU B 44 2.24 -15.77 1.87
CA LEU B 44 1.39 -16.93 2.20
C LEU B 44 0.28 -17.21 1.17
N ASN B 45 -0.09 -16.22 0.35
CA ASN B 45 -1.25 -16.27 -0.56
C ASN B 45 -0.86 -16.15 -2.06
N LYS B 46 0.29 -16.72 -2.44
CA LYS B 46 0.63 -17.00 -3.85
C LYS B 46 -0.47 -17.91 -4.44
N LYS B 47 -1.05 -17.49 -5.58
CA LYS B 47 -2.35 -17.97 -6.06
C LYS B 47 -2.44 -18.09 -7.60
N SER B 48 -3.49 -18.76 -8.08
CA SER B 48 -3.83 -18.96 -9.51
C SER B 48 -2.75 -19.68 -10.34
N ALA B 49 -3.01 -19.86 -11.64
CA ALA B 49 -2.13 -20.51 -12.62
C ALA B 49 -2.21 -19.80 -14.00
N HIS B 50 -1.21 -20.04 -14.85
CA HIS B 50 -1.12 -19.44 -16.19
C HIS B 50 -2.27 -19.89 -17.12
N PRO B 51 -2.89 -19.00 -17.91
CA PRO B 51 -3.99 -19.35 -18.84
C PRO B 51 -3.52 -20.22 -20.02
N GLY B 52 -4.48 -20.79 -20.75
CA GLY B 52 -4.22 -21.67 -21.91
C GLY B 52 -5.42 -21.75 -22.88
N PRO B 53 -5.50 -22.79 -23.73
CA PRO B 53 -6.67 -23.03 -24.58
C PRO B 53 -7.91 -23.41 -23.75
N ALA B 54 -9.10 -23.19 -24.30
CA ALA B 54 -10.35 -23.64 -23.68
C ALA B 54 -10.46 -25.19 -23.63
N ALA B 55 -11.23 -25.70 -22.69
CA ALA B 55 -11.35 -27.14 -22.38
C ALA B 55 -12.72 -27.51 -21.80
N ARG B 56 -12.96 -28.80 -21.54
CA ARG B 56 -14.18 -29.36 -20.91
C ARG B 56 -14.22 -29.08 -19.40
N SER B 57 -14.34 -27.80 -19.04
CA SER B 57 -14.34 -27.28 -17.66
C SER B 57 -15.19 -26.01 -17.53
N HIS B 58 -15.77 -25.78 -16.35
CA HIS B 58 -16.51 -24.56 -16.01
C HIS B 58 -15.59 -23.36 -15.71
N THR B 59 -14.37 -23.61 -15.21
CA THR B 59 -13.46 -22.57 -14.66
C THR B 59 -12.29 -22.20 -15.58
N VAL B 60 -12.07 -22.94 -16.68
CA VAL B 60 -11.02 -22.63 -17.68
C VAL B 60 -11.34 -21.32 -18.44
N ASN B 61 -10.30 -20.57 -18.81
CA ASN B 61 -10.43 -19.32 -19.57
C ASN B 61 -10.90 -19.55 -21.03
N PRO B 62 -11.61 -18.59 -21.65
CA PRO B 62 -11.84 -18.56 -23.10
C PRO B 62 -10.55 -18.21 -23.86
N PHE B 63 -10.53 -18.46 -25.18
CA PHE B 63 -9.44 -18.07 -26.09
C PHE B 63 -9.25 -16.54 -26.17
N GLY A 1 26.30 -6.53 24.61
CA GLY A 1 26.84 -5.43 25.42
C GLY A 1 26.00 -4.17 25.30
N SER A 2 25.92 -3.38 26.38
CA SER A 2 25.15 -2.12 26.45
C SER A 2 25.72 -1.02 25.52
N HIS A 3 24.85 -0.09 25.10
CA HIS A 3 25.24 1.11 24.34
C HIS A 3 26.06 2.11 25.19
N MET A 4 26.72 3.06 24.51
CA MET A 4 27.42 4.18 25.16
C MET A 4 26.45 5.08 25.93
N ALA A 5 26.90 5.71 27.02
CA ALA A 5 26.07 6.53 27.92
C ALA A 5 25.42 7.77 27.25
N SER A 6 25.97 8.24 26.14
CA SER A 6 25.42 9.33 25.32
C SER A 6 24.21 8.93 24.45
N MET A 7 24.03 7.62 24.20
CA MET A 7 22.91 7.07 23.43
C MET A 7 21.66 6.85 24.30
N LYS A 8 20.46 7.08 23.73
CA LYS A 8 19.16 6.86 24.39
C LYS A 8 18.84 5.36 24.51
N ASN A 9 18.24 4.96 25.64
CA ASN A 9 17.81 3.58 25.90
C ASN A 9 16.61 3.17 25.00
N ALA A 10 16.60 1.89 24.57
CA ALA A 10 15.61 1.27 23.68
C ALA A 10 15.48 1.92 22.27
N LYS A 11 14.69 1.29 21.39
CA LYS A 11 14.40 1.79 20.03
C LYS A 11 13.61 3.10 20.07
N GLN A 12 14.00 4.06 19.23
CA GLN A 12 13.33 5.36 19.08
C GLN A 12 12.07 5.25 18.22
N GLU A 13 11.08 6.12 18.48
CA GLU A 13 9.84 6.26 17.68
C GLU A 13 10.06 6.99 16.34
N HIS A 14 11.28 7.43 16.05
CA HIS A 14 11.72 8.07 14.80
C HIS A 14 11.88 7.06 13.65
N PHE A 15 10.82 6.31 13.35
CA PHE A 15 10.79 5.25 12.33
C PHE A 15 11.05 5.77 10.90
N GLU A 16 11.55 4.90 10.03
CA GLU A 16 11.93 5.21 8.64
C GLU A 16 11.69 3.98 7.71
N LEU A 17 11.32 4.25 6.45
CA LEU A 17 11.01 3.24 5.44
C LEU A 17 11.35 3.75 4.03
N ASP A 18 11.71 2.84 3.12
CA ASP A 18 12.00 3.16 1.71
C ASP A 18 11.58 2.05 0.74
N GLN A 19 12.34 0.95 0.66
CA GLN A 19 12.25 -0.03 -0.42
C GLN A 19 11.28 -1.21 -0.15
N GLU A 20 10.81 -1.40 1.08
CA GLU A 20 9.80 -2.44 1.38
C GLU A 20 8.53 -2.19 0.56
N TRP A 21 8.03 -0.95 0.59
CA TRP A 21 6.80 -0.52 -0.07
C TRP A 21 6.82 -0.68 -1.60
N VAL A 22 7.95 -0.41 -2.27
CA VAL A 22 8.03 -0.52 -3.74
C VAL A 22 8.13 -1.97 -4.22
N GLU A 23 8.89 -2.83 -3.54
CA GLU A 23 8.96 -4.26 -3.88
C GLU A 23 7.66 -5.01 -3.50
N LEU A 24 6.99 -4.56 -2.44
CA LEU A 24 5.65 -4.98 -2.03
C LEU A 24 4.60 -4.64 -3.10
N MET A 25 4.50 -3.37 -3.53
CA MET A 25 3.37 -2.92 -4.37
C MET A 25 3.30 -3.59 -5.75
N VAL A 26 4.45 -3.94 -6.35
CA VAL A 26 4.51 -4.59 -7.68
C VAL A 26 4.06 -6.06 -7.66
N GLU A 27 4.25 -6.79 -6.57
CA GLU A 27 3.72 -8.15 -6.40
C GLU A 27 2.32 -8.17 -5.77
N ALA A 28 2.00 -7.22 -4.90
CA ALA A 28 0.70 -7.14 -4.24
C ALA A 28 -0.47 -6.84 -5.21
N LYS A 29 -0.21 -6.16 -6.35
CA LYS A 29 -1.18 -6.03 -7.45
C LYS A 29 -1.41 -7.34 -8.23
N GLU A 30 -0.38 -8.18 -8.36
CA GLU A 30 -0.49 -9.49 -9.01
C GLU A 30 -1.22 -10.50 -8.12
N ALA A 31 -0.92 -10.49 -6.82
CA ALA A 31 -1.57 -11.33 -5.81
C ALA A 31 -2.92 -10.78 -5.29
N ASN A 32 -3.23 -9.50 -5.59
CA ASN A 32 -4.43 -8.76 -5.18
C ASN A 32 -4.68 -8.74 -3.65
N ILE A 33 -3.68 -8.30 -2.88
CA ILE A 33 -3.70 -8.30 -1.40
C ILE A 33 -4.48 -7.10 -0.81
N SER A 34 -5.78 -7.02 -1.10
CA SER A 34 -6.73 -6.10 -0.42
C SER A 34 -6.26 -4.62 -0.32
N PRO A 35 -5.98 -3.92 -1.44
CA PRO A 35 -5.52 -2.52 -1.43
C PRO A 35 -6.46 -1.55 -0.71
N GLU A 36 -7.76 -1.89 -0.62
CA GLU A 36 -8.74 -1.11 0.12
C GLU A 36 -8.35 -0.91 1.60
N GLU A 37 -7.67 -1.89 2.22
CA GLU A 37 -7.19 -1.81 3.61
C GLU A 37 -6.20 -0.66 3.81
N ILE A 38 -5.24 -0.51 2.89
CA ILE A 38 -4.25 0.58 2.93
C ILE A 38 -4.92 1.90 2.57
N ARG A 39 -5.77 1.92 1.54
CA ARG A 39 -6.55 3.11 1.15
C ARG A 39 -7.38 3.68 2.31
N LYS A 40 -8.15 2.85 3.01
CA LYS A 40 -9.04 3.28 4.12
C LYS A 40 -8.27 3.62 5.40
N TYR A 41 -7.20 2.86 5.72
CA TYR A 41 -6.33 3.16 6.86
C TYR A 41 -5.56 4.47 6.65
N LEU A 42 -5.09 4.80 5.43
CA LEU A 42 -4.42 6.08 5.13
C LEU A 42 -5.27 7.31 5.50
N LEU A 43 -6.58 7.28 5.26
CA LEU A 43 -7.51 8.35 5.66
C LEU A 43 -7.69 8.44 7.20
N LEU A 44 -7.62 7.33 7.92
CA LEU A 44 -7.73 7.25 9.38
C LEU A 44 -6.42 7.59 10.12
N ASN A 45 -5.29 7.24 9.53
CA ASN A 45 -3.98 7.12 10.17
C ASN A 45 -3.44 8.49 10.66
N LYS A 46 -3.41 8.68 11.98
CA LYS A 46 -3.14 9.96 12.66
C LYS A 46 -1.65 10.36 12.74
N LYS A 47 -0.72 9.48 12.32
CA LYS A 47 0.74 9.69 12.43
C LYS A 47 1.22 10.98 11.76
N SER A 48 0.67 11.32 10.60
CA SER A 48 0.88 12.62 9.93
C SER A 48 -0.18 13.64 10.35
N ALA A 49 0.25 14.74 10.98
CA ALA A 49 -0.63 15.87 11.33
C ALA A 49 -0.99 16.71 10.09
N HIS A 50 -2.26 17.12 9.99
CA HIS A 50 -2.74 17.98 8.90
C HIS A 50 -2.32 19.46 9.14
N PRO A 51 -1.85 20.20 8.12
CA PRO A 51 -1.52 21.63 8.24
C PRO A 51 -2.77 22.50 8.47
N GLY A 52 -2.58 23.70 9.04
CA GLY A 52 -3.64 24.68 9.28
C GLY A 52 -3.21 25.91 10.09
N PRO A 53 -4.08 26.94 10.19
CA PRO A 53 -3.82 28.15 10.99
C PRO A 53 -3.86 27.90 12.50
N ALA A 54 -3.36 28.86 13.28
CA ALA A 54 -3.36 28.86 14.75
C ALA A 54 -3.53 30.28 15.31
N ALA A 55 -4.24 30.40 16.45
CA ALA A 55 -4.50 31.68 17.11
C ALA A 55 -3.23 32.29 17.73
N ARG A 56 -3.08 33.61 17.57
CA ARG A 56 -1.99 34.41 18.19
C ARG A 56 -2.33 34.80 19.63
N SER A 57 -1.31 35.06 20.44
CA SER A 57 -1.40 35.49 21.85
C SER A 57 -0.18 36.31 22.28
N HIS A 58 -0.35 37.20 23.27
CA HIS A 58 0.68 38.08 23.82
C HIS A 58 0.39 38.45 25.29
N THR A 59 1.45 38.68 26.07
CA THR A 59 1.39 39.18 27.46
C THR A 59 2.67 39.94 27.85
N VAL A 60 2.60 40.76 28.90
CA VAL A 60 3.71 41.59 29.39
C VAL A 60 4.87 40.75 29.99
N ASN A 61 6.07 41.30 29.96
CA ASN A 61 7.27 40.69 30.56
C ASN A 61 7.16 40.62 32.10
N PRO A 62 7.70 39.58 32.78
CA PRO A 62 7.67 39.48 34.25
C PRO A 62 8.42 40.59 35.02
N PHE A 63 9.32 41.33 34.34
CA PHE A 63 10.15 42.41 34.88
C PHE A 63 10.06 43.69 34.01
N GLY B 1 -14.97 17.95 -24.08
CA GLY B 1 -14.67 17.75 -22.65
C GLY B 1 -14.57 19.08 -21.91
N SER B 2 -13.55 19.23 -21.06
CA SER B 2 -13.25 20.46 -20.31
C SER B 2 -11.75 20.55 -19.94
N HIS B 3 -11.30 21.75 -19.56
CA HIS B 3 -9.92 21.98 -19.09
C HIS B 3 -9.54 21.04 -17.92
N MET B 4 -8.41 20.34 -18.04
CA MET B 4 -7.94 19.33 -17.08
C MET B 4 -8.95 18.20 -16.75
N ALA B 5 -9.97 18.01 -17.61
CA ALA B 5 -11.15 17.17 -17.36
C ALA B 5 -11.88 17.52 -16.03
N SER B 6 -11.86 18.79 -15.62
CA SER B 6 -12.31 19.26 -14.30
C SER B 6 -13.83 19.18 -14.08
N MET B 7 -14.60 19.34 -15.15
CA MET B 7 -16.08 19.29 -15.10
C MET B 7 -16.59 17.85 -14.94
N LYS B 8 -17.71 17.67 -14.21
CA LYS B 8 -18.27 16.35 -13.85
C LYS B 8 -18.66 15.49 -15.07
N ASN B 9 -18.95 16.10 -16.22
CA ASN B 9 -19.20 15.41 -17.49
C ASN B 9 -17.93 14.78 -18.11
N ALA B 10 -16.75 15.38 -17.90
CA ALA B 10 -15.45 14.87 -18.35
C ALA B 10 -14.77 13.95 -17.33
N LYS B 11 -14.98 14.20 -16.02
CA LYS B 11 -14.51 13.38 -14.89
C LYS B 11 -15.09 11.96 -14.92
N GLN B 12 -14.38 11.01 -14.33
CA GLN B 12 -14.88 9.67 -13.96
C GLN B 12 -14.51 9.31 -12.52
N GLU B 13 -15.36 8.53 -11.85
CA GLU B 13 -15.22 8.16 -10.43
C GLU B 13 -14.48 6.83 -10.19
N HIS B 14 -13.80 6.29 -11.22
CA HIS B 14 -13.19 4.96 -11.22
C HIS B 14 -11.85 4.91 -11.99
N PHE B 15 -10.98 3.99 -11.58
CA PHE B 15 -9.64 3.74 -12.14
C PHE B 15 -9.20 2.30 -11.83
N GLU B 16 -8.18 1.81 -12.53
CA GLU B 16 -7.74 0.41 -12.47
C GLU B 16 -7.01 0.03 -11.16
N LEU B 17 -7.07 -1.25 -10.81
CA LEU B 17 -6.33 -1.89 -9.72
C LEU B 17 -4.81 -1.64 -9.82
N ASP B 18 -4.30 -1.59 -11.05
CA ASP B 18 -2.91 -1.25 -11.39
C ASP B 18 -2.47 0.13 -10.84
N GLN B 19 -3.39 1.11 -10.81
CA GLN B 19 -3.17 2.45 -10.27
C GLN B 19 -3.55 2.57 -8.78
N GLU B 20 -4.49 1.76 -8.27
CA GLU B 20 -4.80 1.70 -6.83
C GLU B 20 -3.51 1.41 -6.02
N TRP B 21 -2.74 0.41 -6.43
CA TRP B 21 -1.51 0.01 -5.76
C TRP B 21 -0.38 1.04 -5.81
N VAL B 22 -0.34 1.92 -6.81
CA VAL B 22 0.59 3.05 -6.85
C VAL B 22 0.11 4.19 -5.93
N GLU B 23 -1.17 4.56 -6.04
CA GLU B 23 -1.75 5.69 -5.33
C GLU B 23 -1.84 5.45 -3.81
N LEU B 24 -2.12 4.22 -3.37
CA LEU B 24 -2.01 3.84 -1.95
C LEU B 24 -0.54 3.86 -1.50
N MET B 25 0.41 3.35 -2.30
CA MET B 25 1.79 3.16 -1.86
C MET B 25 2.51 4.49 -1.57
N VAL B 26 2.40 5.45 -2.49
CA VAL B 26 3.10 6.75 -2.36
C VAL B 26 2.67 7.54 -1.12
N GLU B 27 1.39 7.44 -0.73
CA GLU B 27 0.87 8.03 0.52
C GLU B 27 1.19 7.19 1.76
N ALA B 28 1.02 5.86 1.69
CA ALA B 28 1.26 4.92 2.78
C ALA B 28 2.72 4.90 3.26
N LYS B 29 3.67 5.09 2.34
CA LYS B 29 5.11 5.18 2.62
C LYS B 29 5.50 6.45 3.40
N GLU B 30 4.91 7.59 3.05
CA GLU B 30 5.12 8.86 3.79
C GLU B 30 4.39 8.86 5.14
N ALA B 31 3.14 8.37 5.19
CA ALA B 31 2.31 8.33 6.39
C ALA B 31 2.62 7.16 7.34
N ASN B 32 3.44 6.19 6.92
CA ASN B 32 3.78 4.97 7.66
C ASN B 32 2.54 4.14 8.06
N ILE B 33 1.82 3.65 7.05
CA ILE B 33 0.98 2.45 7.17
C ILE B 33 1.89 1.20 7.30
N SER B 34 1.35 0.06 7.72
CA SER B 34 2.03 -1.24 7.79
C SER B 34 2.22 -1.91 6.41
N PRO B 35 3.44 -2.05 5.86
CA PRO B 35 3.70 -2.91 4.69
C PRO B 35 3.75 -4.40 5.08
N GLU B 36 4.11 -4.73 6.33
CA GLU B 36 4.40 -6.09 6.78
C GLU B 36 3.21 -7.06 6.62
N GLU B 37 1.98 -6.57 6.82
CA GLU B 37 0.75 -7.35 6.61
C GLU B 37 0.61 -7.83 5.16
N ILE B 38 0.95 -6.98 4.18
CA ILE B 38 0.89 -7.31 2.75
C ILE B 38 2.09 -8.18 2.36
N ARG B 39 3.29 -7.80 2.80
CA ARG B 39 4.56 -8.48 2.51
C ARG B 39 4.54 -9.95 2.93
N LYS B 40 4.06 -10.27 4.14
CA LYS B 40 3.95 -11.66 4.63
C LYS B 40 2.88 -12.45 3.88
N TYR B 41 1.76 -11.81 3.54
CA TYR B 41 0.62 -12.44 2.87
C TYR B 41 1.00 -12.92 1.46
N LEU B 42 1.56 -12.07 0.59
CA LEU B 42 1.92 -12.49 -0.77
C LEU B 42 3.01 -13.58 -0.81
N LEU B 43 3.98 -13.53 0.11
CA LEU B 43 5.05 -14.55 0.22
C LEU B 43 4.52 -15.90 0.72
N LEU B 44 3.52 -15.91 1.60
CA LEU B 44 2.85 -17.13 2.08
C LEU B 44 1.88 -17.70 1.02
N ASN B 45 1.06 -16.84 0.43
CA ASN B 45 -0.06 -17.19 -0.44
C ASN B 45 0.33 -17.50 -1.90
N LYS B 46 1.47 -16.96 -2.37
CA LYS B 46 2.13 -17.30 -3.66
C LYS B 46 1.26 -17.10 -4.92
N LYS B 47 0.21 -16.28 -4.82
CA LYS B 47 -0.57 -15.71 -5.95
C LYS B 47 0.21 -14.64 -6.73
N SER B 48 1.30 -14.15 -6.15
CA SER B 48 2.38 -13.38 -6.78
C SER B 48 3.00 -14.11 -8.00
N ALA B 49 3.90 -13.44 -8.73
CA ALA B 49 4.45 -13.92 -10.00
C ALA B 49 5.14 -15.30 -9.91
N HIS B 50 5.03 -16.09 -10.98
CA HIS B 50 5.56 -17.46 -11.13
C HIS B 50 5.09 -18.44 -10.02
N PRO B 51 3.78 -18.76 -9.96
CA PRO B 51 3.24 -19.79 -9.06
C PRO B 51 3.68 -21.22 -9.45
N GLY B 52 3.47 -22.18 -8.55
CA GLY B 52 3.76 -23.61 -8.78
C GLY B 52 2.85 -24.29 -9.82
N PRO B 53 3.29 -25.41 -10.43
CA PRO B 53 2.55 -26.10 -11.49
C PRO B 53 1.31 -26.83 -10.98
N ALA B 54 0.16 -26.59 -11.63
CA ALA B 54 -1.10 -27.28 -11.33
C ALA B 54 -1.17 -28.73 -11.88
N ALA B 55 -0.33 -29.07 -12.88
CA ALA B 55 -0.30 -30.36 -13.56
C ALA B 55 0.35 -31.52 -12.76
N ARG B 56 0.86 -31.25 -11.55
CA ARG B 56 1.51 -32.23 -10.66
C ARG B 56 0.59 -33.37 -10.20
N SER B 57 1.19 -34.52 -9.89
CA SER B 57 0.53 -35.79 -9.50
C SER B 57 -0.39 -36.41 -10.58
N HIS B 58 -0.83 -37.65 -10.37
CA HIS B 58 -1.66 -38.42 -11.30
C HIS B 58 -3.12 -37.90 -11.35
N THR B 59 -3.71 -37.91 -12.55
CA THR B 59 -5.13 -37.58 -12.78
C THR B 59 -6.08 -38.73 -12.45
N VAL B 60 -7.32 -38.42 -12.05
CA VAL B 60 -8.40 -39.40 -11.84
C VAL B 60 -8.88 -40.00 -13.18
N ASN B 61 -9.34 -41.26 -13.16
CA ASN B 61 -9.85 -41.98 -14.32
C ASN B 61 -10.99 -42.95 -13.90
N PRO B 62 -12.05 -43.13 -14.71
CA PRO B 62 -13.04 -44.18 -14.47
C PRO B 62 -12.47 -45.59 -14.70
N PHE B 63 -13.07 -46.60 -14.05
CA PHE B 63 -12.74 -48.03 -14.18
C PHE B 63 -14.00 -48.92 -14.03
N GLY A 1 32.36 21.38 22.54
CA GLY A 1 31.41 20.30 22.89
C GLY A 1 30.32 20.13 21.84
N SER A 2 29.66 18.97 21.81
CA SER A 2 28.58 18.63 20.88
C SER A 2 27.63 17.56 21.48
N HIS A 3 26.37 17.55 21.03
CA HIS A 3 25.31 16.60 21.45
C HIS A 3 25.14 16.52 23.00
N MET A 4 25.00 17.67 23.65
CA MET A 4 24.73 17.75 25.10
C MET A 4 23.38 17.10 25.44
N ALA A 5 23.39 16.16 26.40
CA ALA A 5 22.26 15.32 26.81
C ALA A 5 21.60 14.49 25.67
N SER A 6 20.54 13.76 25.99
CA SER A 6 19.75 12.92 25.07
C SER A 6 18.32 12.71 25.59
N MET A 7 17.39 12.35 24.71
CA MET A 7 15.99 12.05 25.08
C MET A 7 15.87 10.71 25.83
N LYS A 8 15.03 10.69 26.89
CA LYS A 8 14.47 9.46 27.46
C LYS A 8 13.32 8.88 26.62
N ASN A 9 12.70 9.72 25.78
CA ASN A 9 11.64 9.36 24.83
C ASN A 9 12.16 8.46 23.68
N ALA A 10 11.24 7.77 23.00
CA ALA A 10 11.50 7.11 21.71
C ALA A 10 11.87 8.12 20.60
N LYS A 11 12.39 7.60 19.48
CA LYS A 11 12.85 8.35 18.30
C LYS A 11 11.77 9.27 17.69
N GLN A 12 12.22 10.39 17.11
CA GLN A 12 11.37 11.34 16.37
C GLN A 12 10.66 10.70 15.17
N GLU A 13 9.53 11.27 14.77
CA GLU A 13 8.64 10.75 13.71
C GLU A 13 9.09 11.17 12.28
N HIS A 14 10.40 11.33 12.08
CA HIS A 14 11.03 11.68 10.80
C HIS A 14 11.24 10.41 9.94
N PHE A 15 10.14 9.78 9.52
CA PHE A 15 10.15 8.46 8.87
C PHE A 15 11.00 8.42 7.58
N GLU A 16 11.73 7.33 7.39
CA GLU A 16 12.56 7.03 6.22
C GLU A 16 12.59 5.50 6.00
N LEU A 17 12.50 5.05 4.73
CA LEU A 17 12.13 3.66 4.42
C LEU A 17 12.79 3.17 3.11
N ASP A 18 13.31 1.94 3.13
CA ASP A 18 14.15 1.33 2.09
C ASP A 18 13.38 0.66 0.93
N GLN A 19 12.38 1.36 0.38
CA GLN A 19 11.57 0.94 -0.78
C GLN A 19 10.79 -0.38 -0.62
N GLU A 20 10.58 -0.89 0.60
CA GLU A 20 9.66 -2.03 0.88
C GLU A 20 8.27 -1.79 0.26
N TRP A 21 7.79 -0.54 0.39
CA TRP A 21 6.54 -0.06 -0.18
C TRP A 21 6.46 -0.14 -1.71
N VAL A 22 7.60 -0.07 -2.41
CA VAL A 22 7.66 -0.25 -3.87
C VAL A 22 7.75 -1.73 -4.24
N GLU A 23 8.57 -2.51 -3.52
CA GLU A 23 8.71 -3.95 -3.72
C GLU A 23 7.39 -4.70 -3.50
N LEU A 24 6.61 -4.31 -2.48
CA LEU A 24 5.28 -4.88 -2.23
C LEU A 24 4.27 -4.46 -3.32
N MET A 25 4.20 -3.18 -3.71
CA MET A 25 3.11 -2.69 -4.56
C MET A 25 3.13 -3.28 -5.98
N VAL A 26 4.33 -3.52 -6.53
CA VAL A 26 4.54 -4.11 -7.86
C VAL A 26 4.02 -5.55 -7.92
N GLU A 27 4.25 -6.35 -6.86
CA GLU A 27 3.84 -7.76 -6.80
C GLU A 27 2.41 -7.95 -6.28
N ALA A 28 1.94 -7.11 -5.35
CA ALA A 28 0.64 -7.26 -4.68
C ALA A 28 -0.57 -7.21 -5.62
N LYS A 29 -0.48 -6.47 -6.74
CA LYS A 29 -1.49 -6.48 -7.82
C LYS A 29 -1.52 -7.79 -8.61
N GLU A 30 -0.38 -8.46 -8.79
CA GLU A 30 -0.26 -9.73 -9.52
C GLU A 30 -0.65 -10.93 -8.64
N ALA A 31 -0.20 -10.93 -7.37
CA ALA A 31 -0.57 -11.90 -6.33
C ALA A 31 -1.94 -11.60 -5.67
N ASN A 32 -2.59 -10.51 -6.07
CA ASN A 32 -3.93 -10.06 -5.67
C ASN A 32 -4.17 -10.04 -4.15
N ILE A 33 -3.31 -9.32 -3.44
CA ILE A 33 -3.55 -8.87 -2.05
C ILE A 33 -4.59 -7.71 -2.06
N SER A 34 -5.22 -7.43 -0.91
CA SER A 34 -6.14 -6.29 -0.71
C SER A 34 -5.41 -4.93 -0.60
N PRO A 35 -5.56 -4.00 -1.56
CA PRO A 35 -5.15 -2.59 -1.37
C PRO A 35 -6.09 -1.84 -0.41
N GLU A 36 -7.34 -2.28 -0.27
CA GLU A 36 -8.38 -1.56 0.47
C GLU A 36 -8.00 -1.35 1.94
N GLU A 37 -7.34 -2.33 2.58
CA GLU A 37 -6.86 -2.23 3.97
C GLU A 37 -5.95 -1.02 4.18
N ILE A 38 -5.01 -0.78 3.27
CA ILE A 38 -4.09 0.34 3.31
C ILE A 38 -4.81 1.63 2.93
N ARG A 39 -5.58 1.62 1.82
CA ARG A 39 -6.32 2.79 1.33
C ARG A 39 -7.30 3.36 2.37
N LYS A 40 -8.00 2.51 3.14
CA LYS A 40 -8.93 2.92 4.20
C LYS A 40 -8.22 3.30 5.51
N TYR A 41 -7.16 2.57 5.90
CA TYR A 41 -6.38 2.89 7.10
C TYR A 41 -5.61 4.21 6.95
N LEU A 42 -5.06 4.50 5.76
CA LEU A 42 -4.43 5.77 5.40
C LEU A 42 -5.37 6.98 5.63
N LEU A 43 -6.64 6.86 5.25
CA LEU A 43 -7.67 7.90 5.40
C LEU A 43 -8.00 8.20 6.87
N LEU A 44 -7.88 7.22 7.77
CA LEU A 44 -7.96 7.43 9.22
C LEU A 44 -6.65 8.00 9.79
N ASN A 45 -5.53 7.42 9.36
CA ASN A 45 -4.21 7.56 9.96
C ASN A 45 -3.65 8.99 9.84
N LYS A 46 -3.66 9.54 8.62
CA LYS A 46 -3.33 10.95 8.29
C LYS A 46 -1.98 11.49 8.80
N LYS A 47 -1.02 10.61 9.15
CA LYS A 47 0.35 10.98 9.53
C LYS A 47 1.15 11.55 8.34
N SER A 48 2.30 12.17 8.65
CA SER A 48 3.34 12.57 7.70
C SER A 48 4.70 12.64 8.42
N ALA A 49 5.80 12.35 7.74
CA ALA A 49 7.15 12.40 8.32
C ALA A 49 7.55 13.84 8.74
N HIS A 50 8.01 14.02 9.99
CA HIS A 50 8.35 15.33 10.55
C HIS A 50 9.40 15.23 11.69
N PRO A 51 10.27 16.24 11.88
CA PRO A 51 11.24 16.26 12.97
C PRO A 51 10.56 16.44 14.34
N GLY A 52 11.20 15.90 15.38
CA GLY A 52 10.68 15.81 16.75
C GLY A 52 9.58 14.73 16.93
N PRO A 53 9.50 14.07 18.09
CA PRO A 53 8.36 13.22 18.45
C PRO A 53 7.14 14.07 18.85
N ALA A 54 5.97 13.85 18.23
CA ALA A 54 4.71 14.48 18.62
C ALA A 54 4.07 13.79 19.85
N ALA A 55 4.39 12.50 20.07
CA ALA A 55 3.94 11.73 21.24
C ALA A 55 4.54 12.21 22.58
N ARG A 56 5.61 13.02 22.56
CA ARG A 56 6.27 13.60 23.74
C ARG A 56 5.45 14.78 24.30
N SER A 57 4.62 14.51 25.30
CA SER A 57 3.95 15.56 26.09
C SER A 57 4.98 16.37 26.89
N HIS A 58 4.91 17.70 26.80
CA HIS A 58 5.89 18.62 27.41
C HIS A 58 5.27 19.99 27.75
N THR A 59 5.91 20.71 28.68
CA THR A 59 5.49 22.07 29.11
C THR A 59 5.77 23.14 28.05
N VAL A 60 4.98 24.22 28.05
CA VAL A 60 5.07 25.37 27.14
C VAL A 60 4.99 26.70 27.89
N ASN A 61 5.42 27.80 27.25
CA ASN A 61 5.41 29.14 27.84
C ASN A 61 3.97 29.66 28.09
N PRO A 62 3.74 30.45 29.16
CA PRO A 62 2.41 30.99 29.49
C PRO A 62 1.96 32.14 28.58
N PHE A 63 2.90 32.77 27.85
CA PHE A 63 2.69 33.93 26.96
C PHE A 63 3.65 33.91 25.77
N GLY B 1 -16.91 2.46 -40.87
CA GLY B 1 -17.83 2.63 -42.01
C GLY B 1 -17.10 3.04 -43.28
N SER B 2 -17.66 2.66 -44.44
CA SER B 2 -17.08 2.78 -45.80
C SER B 2 -15.81 1.94 -46.05
N HIS B 3 -15.68 1.42 -47.28
CA HIS B 3 -14.62 0.52 -47.77
C HIS B 3 -14.52 -0.84 -47.02
N MET B 4 -13.78 -1.79 -47.61
CA MET B 4 -13.57 -3.13 -47.06
C MET B 4 -12.66 -3.12 -45.83
N ALA B 5 -13.03 -3.86 -44.78
CA ALA B 5 -12.27 -4.03 -43.54
C ALA B 5 -12.63 -5.34 -42.81
N SER B 6 -11.65 -5.91 -42.07
CA SER B 6 -11.86 -7.05 -41.18
C SER B 6 -12.51 -6.64 -39.84
N MET B 7 -13.16 -7.60 -39.17
CA MET B 7 -13.74 -7.40 -37.82
C MET B 7 -12.66 -7.39 -36.73
N LYS B 8 -12.85 -6.56 -35.70
CA LYS B 8 -11.95 -6.46 -34.54
C LYS B 8 -12.02 -7.71 -33.65
N ASN B 9 -10.86 -8.18 -33.18
CA ASN B 9 -10.73 -9.35 -32.29
C ASN B 9 -11.30 -9.13 -30.88
N ALA B 10 -11.74 -10.22 -30.24
CA ALA B 10 -11.99 -10.28 -28.80
C ALA B 10 -10.68 -10.39 -27.99
N LYS B 11 -10.76 -10.20 -26.66
CA LYS B 11 -9.65 -10.40 -25.70
C LYS B 11 -10.16 -10.91 -24.33
N GLN B 12 -9.23 -11.24 -23.44
CA GLN B 12 -9.53 -11.67 -22.07
C GLN B 12 -10.11 -10.55 -21.18
N GLU B 13 -10.58 -10.92 -20.00
CA GLU B 13 -11.01 -9.99 -18.96
C GLU B 13 -9.86 -9.07 -18.50
N HIS B 14 -10.18 -7.79 -18.28
CA HIS B 14 -9.21 -6.69 -18.14
C HIS B 14 -9.74 -5.54 -17.26
N PHE B 15 -10.78 -5.80 -16.46
CA PHE B 15 -11.54 -4.81 -15.69
C PHE B 15 -10.97 -4.54 -14.28
N GLU B 16 -10.07 -5.40 -13.81
CA GLU B 16 -9.49 -5.42 -12.46
C GLU B 16 -8.49 -4.26 -12.22
N LEU B 17 -8.31 -3.89 -10.94
CA LEU B 17 -7.48 -2.76 -10.51
C LEU B 17 -5.97 -2.97 -10.76
N ASP B 18 -5.24 -1.84 -10.83
CA ASP B 18 -3.78 -1.79 -10.92
C ASP B 18 -3.20 -0.51 -10.28
N GLN B 19 -3.72 0.66 -10.67
CA GLN B 19 -3.25 1.98 -10.24
C GLN B 19 -3.61 2.34 -8.78
N GLU B 20 -4.53 1.60 -8.13
CA GLU B 20 -4.83 1.77 -6.70
C GLU B 20 -3.56 1.63 -5.85
N TRP B 21 -2.76 0.60 -6.15
CA TRP B 21 -1.48 0.30 -5.50
C TRP B 21 -0.43 1.41 -5.65
N VAL B 22 -0.50 2.22 -6.71
CA VAL B 22 0.47 3.30 -6.99
C VAL B 22 0.20 4.53 -6.11
N GLU B 23 -1.05 5.01 -6.04
CA GLU B 23 -1.42 6.11 -5.13
C GLU B 23 -1.32 5.68 -3.65
N LEU B 24 -1.62 4.42 -3.37
CA LEU B 24 -1.51 3.78 -2.06
C LEU B 24 -0.05 3.74 -1.59
N MET B 25 0.88 3.28 -2.43
CA MET B 25 2.31 3.17 -2.10
C MET B 25 2.92 4.50 -1.64
N VAL B 26 2.76 5.56 -2.43
CA VAL B 26 3.47 6.83 -2.20
C VAL B 26 2.95 7.55 -0.94
N GLU B 27 1.65 7.49 -0.67
CA GLU B 27 1.05 8.07 0.54
C GLU B 27 1.29 7.19 1.78
N ALA B 28 1.14 5.87 1.69
CA ALA B 28 1.37 4.94 2.81
C ALA B 28 2.82 4.94 3.31
N LYS B 29 3.80 5.20 2.43
CA LYS B 29 5.21 5.38 2.77
C LYS B 29 5.45 6.63 3.63
N GLU B 30 4.95 7.80 3.21
CA GLU B 30 5.09 9.05 3.96
C GLU B 30 4.27 9.05 5.26
N ALA B 31 3.05 8.51 5.21
CA ALA B 31 2.14 8.39 6.35
C ALA B 31 2.44 7.16 7.25
N ASN B 32 3.41 6.33 6.88
CA ASN B 32 3.85 5.16 7.65
C ASN B 32 2.70 4.25 8.13
N ILE B 33 1.98 3.67 7.16
CA ILE B 33 1.20 2.44 7.34
C ILE B 33 2.18 1.23 7.38
N SER B 34 1.72 0.05 7.79
CA SER B 34 2.47 -1.22 7.78
C SER B 34 2.60 -1.87 6.38
N PRO B 35 3.79 -1.91 5.74
CA PRO B 35 4.03 -2.74 4.56
C PRO B 35 4.18 -4.23 4.90
N GLU B 36 4.51 -4.55 6.16
CA GLU B 36 4.67 -5.94 6.64
C GLU B 36 3.39 -6.75 6.44
N GLU B 37 2.20 -6.14 6.62
CA GLU B 37 0.90 -6.79 6.41
C GLU B 37 0.77 -7.39 5.00
N ILE B 38 1.22 -6.65 3.98
CA ILE B 38 1.19 -7.07 2.58
C ILE B 38 2.32 -8.07 2.31
N ARG B 39 3.54 -7.74 2.74
CA ARG B 39 4.74 -8.57 2.51
C ARG B 39 4.68 -9.95 3.17
N LYS B 40 4.03 -10.09 4.33
CA LYS B 40 3.78 -11.39 5.00
C LYS B 40 2.61 -12.16 4.38
N TYR B 41 1.53 -11.46 4.02
CA TYR B 41 0.35 -12.08 3.38
C TYR B 41 0.68 -12.62 1.97
N LEU B 42 1.53 -11.92 1.22
CA LEU B 42 2.11 -12.35 -0.07
C LEU B 42 2.80 -13.73 -0.02
N LEU B 43 3.33 -14.16 1.13
CA LEU B 43 3.94 -15.49 1.31
C LEU B 43 2.89 -16.62 1.28
N LEU B 44 1.63 -16.32 1.62
CA LEU B 44 0.53 -17.28 1.77
C LEU B 44 -0.51 -17.17 0.64
N ASN B 45 -0.76 -15.97 0.12
CA ASN B 45 -1.81 -15.68 -0.85
C ASN B 45 -1.48 -16.21 -2.25
N LYS B 46 -2.24 -17.20 -2.73
CA LYS B 46 -2.07 -17.89 -4.02
C LYS B 46 -3.11 -17.45 -5.09
N LYS B 47 -3.74 -16.30 -4.89
CA LYS B 47 -4.79 -15.72 -5.74
C LYS B 47 -4.24 -15.27 -7.11
N SER B 48 -5.08 -15.38 -8.15
CA SER B 48 -4.81 -14.83 -9.49
C SER B 48 -5.18 -13.35 -9.58
N ALA B 49 -4.55 -12.61 -10.52
CA ALA B 49 -4.82 -11.19 -10.76
C ALA B 49 -6.25 -10.87 -11.25
N HIS B 50 -6.94 -11.87 -11.81
CA HIS B 50 -8.35 -11.84 -12.23
C HIS B 50 -9.00 -13.22 -12.01
N PRO B 51 -10.35 -13.32 -11.90
CA PRO B 51 -11.03 -14.61 -11.76
C PRO B 51 -10.95 -15.46 -13.04
N GLY B 52 -11.30 -16.74 -12.90
CA GLY B 52 -11.40 -17.71 -14.00
C GLY B 52 -12.74 -17.67 -14.76
N PRO B 53 -12.91 -18.53 -15.79
CA PRO B 53 -14.15 -18.68 -16.55
C PRO B 53 -15.30 -19.31 -15.72
N ALA B 54 -16.53 -19.19 -16.22
CA ALA B 54 -17.73 -19.77 -15.61
C ALA B 54 -17.72 -21.31 -15.63
N ALA B 55 -18.40 -21.94 -14.67
CA ALA B 55 -18.51 -23.40 -14.53
C ALA B 55 -19.18 -24.07 -15.74
N ARG B 56 -18.85 -25.36 -15.97
CA ARG B 56 -19.34 -26.20 -17.07
C ARG B 56 -20.75 -26.76 -16.81
N SER B 57 -21.68 -25.88 -16.42
CA SER B 57 -23.04 -26.23 -15.96
C SER B 57 -23.99 -26.71 -17.07
N HIS B 58 -23.69 -26.42 -18.35
CA HIS B 58 -24.50 -26.85 -19.50
C HIS B 58 -24.43 -28.37 -19.72
N THR B 59 -25.53 -28.99 -20.16
CA THR B 59 -25.60 -30.42 -20.50
C THR B 59 -24.75 -30.77 -21.73
N VAL B 60 -24.19 -31.98 -21.75
CA VAL B 60 -23.34 -32.54 -22.84
C VAL B 60 -23.70 -34.00 -23.19
N ASN B 61 -24.85 -34.47 -22.69
CA ASN B 61 -25.28 -35.87 -22.71
C ASN B 61 -25.63 -36.36 -24.14
N PRO B 62 -25.40 -37.65 -24.46
CA PRO B 62 -25.78 -38.25 -25.76
C PRO B 62 -27.31 -38.38 -25.93
N PHE B 63 -27.75 -38.51 -27.18
CA PHE B 63 -29.15 -38.76 -27.57
C PHE B 63 -29.66 -40.14 -27.12
N GLY A 1 32.13 -11.68 24.62
CA GLY A 1 31.09 -10.85 23.98
C GLY A 1 31.63 -9.49 23.53
N SER A 2 31.00 -8.89 22.52
CA SER A 2 31.36 -7.57 21.99
C SER A 2 31.05 -6.43 22.98
N HIS A 3 31.81 -5.33 22.90
CA HIS A 3 31.56 -4.08 23.64
C HIS A 3 30.40 -3.25 23.04
N MET A 4 30.00 -3.51 21.78
CA MET A 4 28.86 -2.86 21.12
C MET A 4 27.52 -3.40 21.64
N ALA A 5 26.45 -2.61 21.47
CA ALA A 5 25.08 -2.94 21.91
C ALA A 5 24.01 -2.42 20.93
N SER A 6 22.85 -3.10 20.91
CA SER A 6 21.76 -2.85 19.94
C SER A 6 21.13 -1.46 20.01
N MET A 7 21.33 -0.72 21.11
CA MET A 7 20.92 0.68 21.28
C MET A 7 21.52 1.64 20.22
N LYS A 8 22.65 1.27 19.60
CA LYS A 8 23.25 1.97 18.45
C LYS A 8 22.31 2.03 17.23
N ASN A 9 21.43 1.04 17.08
CA ASN A 9 20.58 0.83 15.90
C ASN A 9 19.12 1.29 16.10
N ALA A 10 18.83 2.06 17.16
CA ALA A 10 17.48 2.52 17.52
C ALA A 10 16.84 3.44 16.45
N LYS A 11 15.49 3.43 16.40
CA LYS A 11 14.66 4.13 15.39
C LYS A 11 13.31 4.58 15.97
N GLN A 12 12.86 5.77 15.59
CA GLN A 12 11.56 6.35 16.00
C GLN A 12 10.38 5.77 15.19
N GLU A 13 9.18 5.82 15.76
CA GLU A 13 7.93 5.28 15.20
C GLU A 13 7.46 5.99 13.92
N HIS A 14 7.91 7.24 13.68
CA HIS A 14 7.90 7.86 12.36
C HIS A 14 9.08 7.32 11.54
N PHE A 15 8.93 6.11 11.01
CA PHE A 15 10.02 5.37 10.36
C PHE A 15 10.59 6.09 9.13
N GLU A 16 11.91 6.00 8.93
CA GLU A 16 12.63 6.48 7.73
C GLU A 16 12.52 5.48 6.55
N LEU A 17 11.34 4.90 6.35
CA LEU A 17 11.04 3.84 5.39
C LEU A 17 11.17 4.34 3.93
N ASP A 18 11.77 3.53 3.05
CA ASP A 18 12.09 3.94 1.66
C ASP A 18 11.54 3.01 0.56
N GLN A 19 11.91 1.72 0.56
CA GLN A 19 11.70 0.83 -0.60
C GLN A 19 10.99 -0.50 -0.32
N GLU A 20 10.47 -0.74 0.90
CA GLU A 20 9.56 -1.87 1.15
C GLU A 20 8.30 -1.73 0.28
N TRP A 21 7.68 -0.55 0.28
CA TRP A 21 6.43 -0.27 -0.42
C TRP A 21 6.48 -0.45 -1.94
N VAL A 22 7.58 -0.06 -2.60
CA VAL A 22 7.70 -0.18 -4.07
C VAL A 22 7.99 -1.62 -4.52
N GLU A 23 8.74 -2.40 -3.73
CA GLU A 23 8.95 -3.84 -3.97
C GLU A 23 7.67 -4.64 -3.69
N LEU A 24 6.93 -4.26 -2.64
CA LEU A 24 5.65 -4.81 -2.22
C LEU A 24 4.54 -4.57 -3.26
N MET A 25 4.35 -3.33 -3.71
CA MET A 25 3.15 -2.93 -4.47
C MET A 25 3.02 -3.61 -5.84
N VAL A 26 4.14 -3.85 -6.55
CA VAL A 26 4.14 -4.52 -7.86
C VAL A 26 3.78 -6.00 -7.77
N GLU A 27 4.17 -6.69 -6.69
CA GLU A 27 3.79 -8.08 -6.44
C GLU A 27 2.38 -8.19 -5.82
N ALA A 28 2.03 -7.27 -4.91
CA ALA A 28 0.72 -7.22 -4.26
C ALA A 28 -0.43 -6.89 -5.23
N LYS A 29 -0.15 -6.16 -6.32
CA LYS A 29 -1.05 -6.03 -7.47
C LYS A 29 -1.38 -7.37 -8.12
N GLU A 30 -0.36 -8.20 -8.36
CA GLU A 30 -0.51 -9.51 -9.02
C GLU A 30 -1.15 -10.57 -8.12
N ALA A 31 -0.82 -10.58 -6.82
CA ALA A 31 -1.46 -11.43 -5.81
C ALA A 31 -2.80 -10.88 -5.30
N ASN A 32 -3.13 -9.63 -5.63
CA ASN A 32 -4.35 -8.89 -5.29
C ASN A 32 -4.58 -8.74 -3.77
N ILE A 33 -3.52 -8.42 -2.99
CA ILE A 33 -3.57 -8.31 -1.53
C ILE A 33 -4.25 -7.00 -1.05
N SER A 34 -5.56 -6.90 -1.25
CA SER A 34 -6.46 -5.96 -0.56
C SER A 34 -5.97 -4.50 -0.47
N PRO A 35 -5.72 -3.78 -1.60
CA PRO A 35 -5.30 -2.38 -1.58
C PRO A 35 -6.28 -1.45 -0.85
N GLU A 36 -7.56 -1.81 -0.82
CA GLU A 36 -8.60 -1.10 -0.06
C GLU A 36 -8.31 -1.02 1.46
N GLU A 37 -7.61 -2.01 2.02
CA GLU A 37 -7.16 -2.00 3.44
C GLU A 37 -6.20 -0.84 3.71
N ILE A 38 -5.21 -0.64 2.83
CA ILE A 38 -4.25 0.45 2.96
C ILE A 38 -4.93 1.80 2.65
N ARG A 39 -5.82 1.84 1.64
CA ARG A 39 -6.64 3.04 1.33
C ARG A 39 -7.46 3.53 2.53
N LYS A 40 -8.16 2.64 3.25
CA LYS A 40 -8.97 3.01 4.43
C LYS A 40 -8.12 3.28 5.68
N TYR A 41 -7.02 2.56 5.85
CA TYR A 41 -6.04 2.81 6.92
C TYR A 41 -5.40 4.20 6.77
N LEU A 42 -5.05 4.65 5.54
CA LEU A 42 -4.59 6.03 5.29
C LEU A 42 -5.59 7.11 5.78
N LEU A 43 -6.89 6.92 5.55
CA LEU A 43 -7.94 7.83 6.01
C LEU A 43 -8.09 7.86 7.55
N LEU A 44 -7.86 6.72 8.22
CA LEU A 44 -7.87 6.61 9.69
C LEU A 44 -6.61 7.18 10.35
N ASN A 45 -5.45 6.88 9.76
CA ASN A 45 -4.13 6.98 10.39
C ASN A 45 -3.72 8.41 10.73
N LYS A 46 -3.67 9.28 9.71
CA LYS A 46 -3.42 10.73 9.82
C LYS A 46 -2.18 11.13 10.65
N LYS A 47 -1.16 10.27 10.73
CA LYS A 47 0.08 10.54 11.49
C LYS A 47 0.80 11.80 10.98
N SER A 48 1.24 12.63 11.92
CA SER A 48 1.87 13.95 11.71
C SER A 48 1.04 15.01 10.96
N ALA A 49 -0.25 14.76 10.68
CA ALA A 49 -1.17 15.73 10.08
C ALA A 49 -1.85 16.66 11.12
N HIS A 50 -1.76 16.34 12.41
CA HIS A 50 -2.38 17.10 13.51
C HIS A 50 -1.78 18.53 13.66
N PRO A 51 -2.59 19.58 13.89
CA PRO A 51 -2.13 20.95 14.04
C PRO A 51 -1.35 21.22 15.34
N GLY A 52 -0.74 22.39 15.44
CA GLY A 52 -0.05 22.88 16.65
C GLY A 52 -1.00 23.30 17.79
N PRO A 53 -0.45 23.80 18.93
CA PRO A 53 -1.21 24.18 20.12
C PRO A 53 -2.29 25.26 19.87
N ALA A 54 -3.39 25.17 20.62
CA ALA A 54 -4.55 26.07 20.52
C ALA A 54 -4.33 27.48 21.14
N ALA A 55 -3.25 27.68 21.89
CA ALA A 55 -2.92 28.93 22.60
C ALA A 55 -1.40 29.19 22.64
N ARG A 56 -1.00 30.45 22.89
CA ARG A 56 0.40 30.90 23.02
C ARG A 56 0.98 30.51 24.39
N SER A 57 2.30 30.60 24.52
CA SER A 57 3.05 30.31 25.77
C SER A 57 2.58 31.18 26.94
N HIS A 58 2.19 32.44 26.66
CA HIS A 58 1.41 33.31 27.54
C HIS A 58 0.19 33.86 26.77
N THR A 59 -1.00 33.76 27.37
CA THR A 59 -2.29 34.17 26.77
C THR A 59 -3.16 34.90 27.80
N VAL A 60 -3.87 35.95 27.37
CA VAL A 60 -4.74 36.77 28.24
C VAL A 60 -5.91 35.97 28.83
N ASN A 61 -6.31 36.29 30.06
CA ASN A 61 -7.44 35.67 30.78
C ASN A 61 -8.11 36.61 31.82
N PRO A 62 -7.36 37.41 32.62
CA PRO A 62 -7.96 38.38 33.55
C PRO A 62 -8.76 39.50 32.87
N PHE A 63 -9.68 40.11 33.61
CA PHE A 63 -10.52 41.24 33.18
C PHE A 63 -9.70 42.54 32.94
N GLY B 1 10.80 18.36 -22.43
CA GLY B 1 9.36 18.25 -22.12
C GLY B 1 8.81 16.88 -22.50
N SER B 2 8.05 16.25 -21.61
CA SER B 2 7.54 14.87 -21.78
C SER B 2 6.54 14.69 -22.94
N HIS B 3 5.76 15.74 -23.25
CA HIS B 3 4.60 15.69 -24.16
C HIS B 3 3.57 14.59 -23.78
N MET B 4 3.44 14.27 -22.49
CA MET B 4 2.53 13.21 -22.00
C MET B 4 1.06 13.48 -22.33
N ALA B 5 0.31 12.42 -22.67
CA ALA B 5 -1.12 12.48 -22.98
C ALA B 5 -2.01 12.63 -21.72
N SER B 6 -1.52 12.18 -20.56
CA SER B 6 -2.18 12.24 -19.25
C SER B 6 -1.17 12.14 -18.11
N MET B 7 -1.51 12.69 -16.94
CA MET B 7 -0.73 12.55 -15.69
C MET B 7 -0.77 11.11 -15.13
N LYS B 8 -1.77 10.29 -15.53
CA LYS B 8 -1.89 8.88 -15.14
C LYS B 8 -0.76 7.99 -15.69
N ASN B 9 -0.56 6.84 -15.05
CA ASN B 9 0.45 5.85 -15.44
C ASN B 9 0.14 5.27 -16.85
N ALA B 10 1.13 5.29 -17.74
CA ALA B 10 1.00 4.84 -19.13
C ALA B 10 0.95 3.29 -19.30
N LYS B 11 1.36 2.52 -18.28
CA LYS B 11 1.39 1.05 -18.33
C LYS B 11 -0.01 0.45 -18.44
N GLN B 12 -0.21 -0.42 -19.44
CA GLN B 12 -1.53 -0.95 -19.81
C GLN B 12 -2.05 -2.12 -18.95
N GLU B 13 -1.18 -2.80 -18.20
CA GLU B 13 -1.54 -4.00 -17.41
C GLU B 13 -2.33 -3.72 -16.12
N HIS B 14 -2.76 -2.48 -15.88
CA HIS B 14 -3.74 -2.08 -14.85
C HIS B 14 -5.18 -2.49 -15.21
N PHE B 15 -5.39 -3.75 -15.64
CA PHE B 15 -6.64 -4.23 -16.25
C PHE B 15 -7.87 -4.15 -15.33
N GLU B 16 -7.71 -4.38 -14.02
CA GLU B 16 -8.79 -4.37 -13.02
C GLU B 16 -8.43 -3.65 -11.70
N LEU B 17 -7.24 -3.03 -11.64
CA LEU B 17 -6.74 -2.21 -10.53
C LEU B 17 -6.07 -0.95 -11.11
N ASP B 18 -6.90 0.03 -11.48
CA ASP B 18 -6.47 1.27 -12.16
C ASP B 18 -5.66 2.20 -11.24
N GLN B 19 -4.33 2.00 -11.20
CA GLN B 19 -3.34 2.83 -10.49
C GLN B 19 -3.54 2.90 -8.96
N GLU B 20 -4.43 2.07 -8.37
CA GLU B 20 -4.72 2.05 -6.94
C GLU B 20 -3.44 1.85 -6.13
N TRP B 21 -2.71 0.77 -6.42
CA TRP B 21 -1.43 0.42 -5.77
C TRP B 21 -0.35 1.49 -5.89
N VAL B 22 -0.33 2.26 -6.98
CA VAL B 22 0.73 3.26 -7.22
C VAL B 22 0.47 4.58 -6.49
N GLU B 23 -0.79 5.01 -6.38
CA GLU B 23 -1.16 6.13 -5.50
C GLU B 23 -1.04 5.72 -4.01
N LEU B 24 -1.48 4.51 -3.68
CA LEU B 24 -1.42 3.89 -2.36
C LEU B 24 0.00 3.78 -1.82
N MET B 25 0.95 3.25 -2.61
CA MET B 25 2.30 2.91 -2.11
C MET B 25 3.09 4.15 -1.64
N VAL B 26 2.98 5.28 -2.35
CA VAL B 26 3.69 6.52 -2.00
C VAL B 26 3.04 7.25 -0.81
N GLU B 27 1.70 7.26 -0.73
CA GLU B 27 0.98 7.80 0.43
C GLU B 27 1.22 6.95 1.69
N ALA B 28 1.21 5.62 1.57
CA ALA B 28 1.45 4.70 2.67
C ALA B 28 2.90 4.73 3.19
N LYS B 29 3.87 5.01 2.32
CA LYS B 29 5.26 5.34 2.67
C LYS B 29 5.34 6.64 3.48
N GLU B 30 4.74 7.73 2.99
CA GLU B 30 4.78 9.03 3.65
C GLU B 30 4.05 9.04 5.01
N ALA B 31 2.89 8.40 5.09
CA ALA B 31 2.07 8.27 6.30
C ALA B 31 2.50 7.14 7.25
N ASN B 32 3.43 6.27 6.83
CA ASN B 32 3.89 5.06 7.54
C ASN B 32 2.72 4.15 7.99
N ILE B 33 1.92 3.68 7.03
CA ILE B 33 1.06 2.49 7.20
C ILE B 33 1.94 1.21 7.28
N SER B 34 1.36 0.06 7.66
CA SER B 34 2.00 -1.26 7.68
C SER B 34 2.17 -1.89 6.27
N PRO B 35 3.39 -2.02 5.71
CA PRO B 35 3.66 -2.91 4.57
C PRO B 35 3.80 -4.38 4.99
N GLU B 36 4.13 -4.63 6.26
CA GLU B 36 4.44 -5.96 6.83
C GLU B 36 3.31 -6.98 6.62
N GLU B 37 2.06 -6.57 6.82
CA GLU B 37 0.88 -7.44 6.61
C GLU B 37 0.79 -7.95 5.18
N ILE B 38 1.02 -7.08 4.19
CA ILE B 38 0.98 -7.42 2.77
C ILE B 38 2.18 -8.28 2.40
N ARG B 39 3.40 -7.89 2.78
CA ARG B 39 4.62 -8.65 2.53
C ARG B 39 4.52 -10.10 3.05
N LYS B 40 4.07 -10.30 4.29
CA LYS B 40 3.96 -11.65 4.89
C LYS B 40 2.77 -12.45 4.35
N TYR B 41 1.63 -11.80 4.10
CA TYR B 41 0.47 -12.48 3.51
C TYR B 41 0.75 -12.94 2.08
N LEU B 42 1.35 -12.09 1.23
CA LEU B 42 1.80 -12.47 -0.12
C LEU B 42 2.77 -13.66 -0.14
N LEU B 43 3.70 -13.72 0.82
CA LEU B 43 4.68 -14.81 0.94
C LEU B 43 4.01 -16.18 1.20
N LEU B 44 2.92 -16.20 1.97
CA LEU B 44 2.08 -17.39 2.16
C LEU B 44 1.14 -17.65 0.96
N ASN B 45 0.43 -16.60 0.52
CA ASN B 45 -0.53 -16.59 -0.58
C ASN B 45 0.16 -16.50 -1.95
N LYS B 46 0.95 -17.52 -2.29
CA LYS B 46 1.68 -17.64 -3.58
C LYS B 46 0.74 -17.71 -4.80
N LYS B 47 -0.51 -18.15 -4.59
CA LYS B 47 -1.65 -18.09 -5.54
C LYS B 47 -1.42 -18.87 -6.85
N SER B 48 -2.36 -18.73 -7.80
CA SER B 48 -2.30 -19.30 -9.17
C SER B 48 -2.19 -20.84 -9.21
N ALA B 49 -2.79 -21.54 -8.25
CA ALA B 49 -2.84 -23.01 -8.19
C ALA B 49 -3.68 -23.62 -9.35
N HIS B 50 -3.33 -24.83 -9.78
CA HIS B 50 -4.02 -25.56 -10.85
C HIS B 50 -5.44 -26.02 -10.40
N PRO B 51 -6.48 -25.89 -11.25
CA PRO B 51 -7.84 -26.36 -10.93
C PRO B 51 -7.95 -27.90 -10.91
N GLY B 52 -9.07 -28.41 -10.37
CA GLY B 52 -9.41 -29.84 -10.41
C GLY B 52 -9.94 -30.33 -11.78
N PRO B 53 -10.19 -31.65 -11.93
CA PRO B 53 -10.75 -32.25 -13.14
C PRO B 53 -12.14 -31.72 -13.52
N ALA B 54 -12.50 -31.82 -14.80
CA ALA B 54 -13.81 -31.42 -15.35
C ALA B 54 -14.19 -32.23 -16.60
N ALA B 55 -15.47 -32.57 -16.74
CA ALA B 55 -16.04 -33.26 -17.90
C ALA B 55 -16.06 -32.39 -19.17
N ARG B 56 -16.04 -33.02 -20.35
CA ARG B 56 -15.88 -32.37 -21.66
C ARG B 56 -16.41 -33.22 -22.83
N SER B 57 -16.69 -32.58 -23.97
CA SER B 57 -17.23 -33.21 -25.18
C SER B 57 -18.53 -34.01 -24.88
N HIS B 58 -18.72 -35.17 -25.51
CA HIS B 58 -19.87 -36.06 -25.30
C HIS B 58 -19.93 -36.73 -23.92
N THR B 59 -18.84 -36.69 -23.13
CA THR B 59 -18.78 -37.29 -21.78
C THR B 59 -19.50 -36.41 -20.76
N VAL B 60 -20.54 -36.96 -20.11
CA VAL B 60 -21.36 -36.29 -19.08
C VAL B 60 -22.04 -37.34 -18.18
N ASN B 61 -22.31 -36.99 -16.92
CA ASN B 61 -23.03 -37.85 -15.97
C ASN B 61 -24.51 -38.06 -16.40
N PRO B 62 -25.06 -39.29 -16.29
CA PRO B 62 -26.44 -39.59 -16.68
C PRO B 62 -27.50 -39.05 -15.69
N PHE B 63 -27.10 -38.83 -14.43
CA PHE B 63 -27.95 -38.36 -13.31
C PHE B 63 -27.19 -37.35 -12.43
N GLY A 1 35.52 21.67 36.51
CA GLY A 1 35.91 21.76 35.08
C GLY A 1 36.20 20.40 34.47
N SER A 2 36.09 20.28 33.15
CA SER A 2 36.38 19.06 32.37
C SER A 2 36.78 19.39 30.92
N HIS A 3 37.38 18.43 30.21
CA HIS A 3 37.84 18.59 28.83
C HIS A 3 36.69 18.79 27.82
N MET A 4 36.92 19.58 26.77
CA MET A 4 35.96 19.84 25.69
C MET A 4 35.71 18.60 24.82
N ALA A 5 34.46 18.40 24.39
CA ALA A 5 34.04 17.33 23.47
C ALA A 5 32.79 17.75 22.66
N SER A 6 32.62 17.20 21.46
CA SER A 6 31.48 17.47 20.57
C SER A 6 30.15 16.94 21.13
N MET A 7 29.07 17.72 20.93
CA MET A 7 27.71 17.33 21.34
C MET A 7 27.10 16.24 20.44
N LYS A 8 26.25 15.39 21.00
CA LYS A 8 25.48 14.36 20.28
C LYS A 8 24.32 14.97 19.47
N ASN A 9 23.87 14.25 18.43
CA ASN A 9 22.75 14.63 17.57
C ASN A 9 22.03 13.39 17.00
N ALA A 10 20.71 13.51 16.75
CA ALA A 10 19.86 12.46 16.19
C ALA A 10 18.70 13.02 15.35
N LYS A 11 18.13 12.19 14.46
CA LYS A 11 16.96 12.53 13.61
C LYS A 11 15.67 12.73 14.41
N GLN A 12 14.73 13.48 13.84
CA GLN A 12 13.37 13.63 14.36
C GLN A 12 12.42 12.48 13.92
N GLU A 13 12.71 11.83 12.79
CA GLU A 13 11.86 10.79 12.20
C GLU A 13 11.87 9.48 13.01
N HIS A 14 10.69 8.94 13.30
CA HIS A 14 10.49 7.66 14.01
C HIS A 14 10.51 6.42 13.08
N PHE A 15 11.07 6.58 11.86
CA PHE A 15 11.09 5.58 10.79
C PHE A 15 12.38 5.67 9.96
N GLU A 16 12.67 4.63 9.18
CA GLU A 16 13.84 4.50 8.28
C GLU A 16 13.44 3.93 6.89
N LEU A 17 12.15 4.04 6.55
CA LEU A 17 11.54 3.46 5.34
C LEU A 17 12.09 4.09 4.05
N ASP A 18 12.25 3.28 3.00
CA ASP A 18 12.85 3.68 1.72
C ASP A 18 12.25 2.96 0.49
N GLN A 19 12.19 1.62 0.50
CA GLN A 19 11.99 0.79 -0.69
C GLN A 19 11.07 -0.42 -0.49
N GLU A 20 10.66 -0.77 0.75
CA GLU A 20 9.70 -1.87 0.99
C GLU A 20 8.46 -1.72 0.12
N TRP A 21 7.82 -0.54 0.17
CA TRP A 21 6.60 -0.22 -0.58
C TRP A 21 6.72 -0.39 -2.10
N VAL A 22 7.87 -0.08 -2.72
CA VAL A 22 7.99 -0.17 -4.18
C VAL A 22 8.30 -1.58 -4.70
N GLU A 23 8.93 -2.43 -3.90
CA GLU A 23 9.01 -3.88 -4.20
C GLU A 23 7.67 -4.57 -3.93
N LEU A 24 7.04 -4.24 -2.79
CA LEU A 24 5.76 -4.73 -2.31
C LEU A 24 4.63 -4.46 -3.29
N MET A 25 4.50 -3.24 -3.83
CA MET A 25 3.38 -2.86 -4.69
C MET A 25 3.37 -3.65 -6.02
N VAL A 26 4.55 -3.97 -6.57
CA VAL A 26 4.70 -4.72 -7.83
C VAL A 26 4.25 -6.18 -7.67
N GLU A 27 4.63 -6.83 -6.57
CA GLU A 27 4.19 -8.19 -6.26
C GLU A 27 2.71 -8.24 -5.85
N ALA A 28 2.26 -7.29 -5.03
CA ALA A 28 0.89 -7.26 -4.50
C ALA A 28 -0.18 -7.03 -5.58
N LYS A 29 0.07 -6.14 -6.54
CA LYS A 29 -0.89 -5.91 -7.64
C LYS A 29 -1.02 -7.13 -8.56
N GLU A 30 0.08 -7.82 -8.84
CA GLU A 30 0.12 -9.01 -9.70
C GLU A 30 -0.47 -10.27 -9.02
N ALA A 31 -0.16 -10.49 -7.73
CA ALA A 31 -0.69 -11.60 -6.94
C ALA A 31 -2.10 -11.32 -6.37
N ASN A 32 -2.58 -10.09 -6.51
CA ASN A 32 -3.86 -9.56 -6.03
C ASN A 32 -4.03 -9.68 -4.49
N ILE A 33 -3.15 -9.03 -3.74
CA ILE A 33 -3.40 -8.68 -2.33
C ILE A 33 -4.45 -7.56 -2.25
N SER A 34 -5.06 -7.34 -1.09
CA SER A 34 -6.09 -6.30 -0.84
C SER A 34 -5.48 -4.87 -0.69
N PRO A 35 -5.67 -3.93 -1.65
CA PRO A 35 -5.27 -2.53 -1.47
C PRO A 35 -6.17 -1.75 -0.52
N GLU A 36 -7.43 -2.17 -0.36
CA GLU A 36 -8.40 -1.51 0.51
C GLU A 36 -7.93 -1.49 1.98
N GLU A 37 -7.15 -2.50 2.40
CA GLU A 37 -6.57 -2.57 3.74
C GLU A 37 -5.64 -1.38 4.03
N ILE A 38 -4.81 -1.00 3.07
CA ILE A 38 -3.89 0.15 3.17
C ILE A 38 -4.66 1.45 2.99
N ARG A 39 -5.56 1.51 2.00
CA ARG A 39 -6.41 2.68 1.71
C ARG A 39 -7.24 3.11 2.93
N LYS A 40 -7.91 2.18 3.62
CA LYS A 40 -8.76 2.46 4.78
C LYS A 40 -7.94 2.83 6.04
N TYR A 41 -6.78 2.20 6.22
CA TYR A 41 -5.81 2.52 7.28
C TYR A 41 -5.27 3.94 7.08
N LEU A 42 -4.78 4.28 5.88
CA LEU A 42 -4.35 5.64 5.49
C LEU A 42 -5.45 6.71 5.68
N LEU A 43 -6.70 6.40 5.29
CA LEU A 43 -7.84 7.30 5.45
C LEU A 43 -8.16 7.60 6.94
N LEU A 44 -8.00 6.61 7.82
CA LEU A 44 -8.18 6.75 9.26
C LEU A 44 -7.00 7.43 9.97
N ASN A 45 -5.77 7.09 9.55
CA ASN A 45 -4.56 7.32 10.35
C ASN A 45 -4.02 8.75 10.24
N LYS A 46 -4.70 9.70 10.89
CA LYS A 46 -4.25 11.10 11.10
C LYS A 46 -2.96 11.22 11.94
N LYS A 47 -2.62 10.17 12.70
CA LYS A 47 -1.38 9.89 13.44
C LYS A 47 -1.02 10.84 14.60
N SER A 48 -1.31 12.14 14.50
CA SER A 48 -1.06 13.14 15.54
C SER A 48 -1.99 12.96 16.75
N ALA A 49 -1.51 13.28 17.96
CA ALA A 49 -2.28 13.22 19.21
C ALA A 49 -3.37 14.31 19.31
N HIS A 50 -4.39 14.06 20.12
CA HIS A 50 -5.48 15.02 20.38
C HIS A 50 -4.97 16.26 21.15
N PRO A 51 -5.26 17.51 20.70
CA PRO A 51 -4.76 18.73 21.34
C PRO A 51 -5.44 19.04 22.67
N GLY A 52 -4.76 19.84 23.52
CA GLY A 52 -5.33 20.38 24.76
C GLY A 52 -4.31 21.21 25.58
N PRO A 53 -4.77 22.01 26.56
CA PRO A 53 -3.90 22.84 27.40
C PRO A 53 -2.93 22.04 28.29
N ALA A 54 -1.81 22.66 28.67
CA ALA A 54 -0.92 22.16 29.72
C ALA A 54 -1.50 22.38 31.15
N ALA A 55 -2.42 23.33 31.31
CA ALA A 55 -3.14 23.60 32.56
C ALA A 55 -4.13 22.47 32.93
N ARG A 56 -4.33 22.27 34.24
CA ARG A 56 -5.22 21.26 34.83
C ARG A 56 -5.70 21.68 36.23
N SER A 57 -6.77 21.05 36.72
CA SER A 57 -7.35 21.32 38.04
C SER A 57 -6.38 20.99 39.19
N HIS A 58 -6.44 21.80 40.26
CA HIS A 58 -5.53 21.76 41.41
C HIS A 58 -6.16 22.41 42.65
N THR A 59 -5.71 22.02 43.85
CA THR A 59 -6.18 22.55 45.14
C THR A 59 -5.14 22.34 46.26
N VAL A 60 -5.25 23.10 47.35
CA VAL A 60 -4.43 23.05 48.58
C VAL A 60 -2.90 23.11 48.36
N ASN A 61 -2.49 23.80 47.29
CA ASN A 61 -1.08 23.99 46.91
C ASN A 61 -0.30 24.84 47.93
N PRO A 62 1.01 24.60 48.14
CA PRO A 62 1.86 25.39 49.03
C PRO A 62 2.10 26.82 48.52
N PHE A 63 2.44 27.73 49.44
CA PHE A 63 2.79 29.13 49.16
C PHE A 63 4.12 29.28 48.39
N GLY B 1 -18.80 10.09 -33.54
CA GLY B 1 -18.67 9.60 -32.15
C GLY B 1 -18.13 8.16 -32.14
N SER B 2 -17.17 7.88 -31.27
CA SER B 2 -16.41 6.61 -31.23
C SER B 2 -17.27 5.36 -31.01
N HIS B 3 -18.43 5.50 -30.35
CA HIS B 3 -19.38 4.41 -30.11
C HIS B 3 -19.99 3.79 -31.39
N MET B 4 -19.86 4.44 -32.54
CA MET B 4 -20.21 3.88 -33.86
C MET B 4 -19.22 2.83 -34.37
N ALA B 5 -17.99 2.79 -33.82
CA ALA B 5 -16.99 1.77 -34.11
C ALA B 5 -17.26 0.42 -33.38
N SER B 6 -16.34 -0.54 -33.52
CA SER B 6 -16.42 -1.88 -32.93
C SER B 6 -16.34 -1.88 -31.39
N MET B 7 -16.43 -3.08 -30.79
CA MET B 7 -16.40 -3.34 -29.34
C MET B 7 -15.09 -2.93 -28.64
N LYS B 8 -14.06 -2.51 -29.40
CA LYS B 8 -12.81 -1.89 -28.89
C LYS B 8 -13.01 -0.62 -28.04
N ASN B 9 -14.22 -0.05 -28.04
CA ASN B 9 -14.66 0.98 -27.09
C ASN B 9 -14.67 0.49 -25.62
N ALA B 10 -14.99 -0.79 -25.39
CA ALA B 10 -14.96 -1.42 -24.06
C ALA B 10 -13.53 -1.82 -23.63
N LYS B 11 -13.32 -1.98 -22.32
CA LYS B 11 -12.04 -2.42 -21.72
C LYS B 11 -12.22 -3.20 -20.41
N GLN B 12 -11.25 -4.06 -20.10
CA GLN B 12 -11.17 -4.78 -18.82
C GLN B 12 -10.59 -3.93 -17.66
N GLU B 13 -9.87 -2.85 -17.98
CA GLU B 13 -9.07 -2.06 -17.02
C GLU B 13 -9.89 -1.17 -16.07
N HIS B 14 -11.23 -1.18 -16.19
CA HIS B 14 -12.16 -0.35 -15.43
C HIS B 14 -12.09 -0.53 -13.90
N PHE B 15 -11.54 -1.64 -13.42
CA PHE B 15 -11.30 -1.90 -11.98
C PHE B 15 -10.17 -1.05 -11.38
N GLU B 16 -9.24 -0.53 -12.22
CA GLU B 16 -8.14 0.37 -11.83
C GLU B 16 -7.21 -0.16 -10.71
N LEU B 17 -7.06 -1.48 -10.59
CA LEU B 17 -6.34 -2.15 -9.50
C LEU B 17 -4.87 -1.70 -9.39
N ASP B 18 -4.15 -1.67 -10.51
CA ASP B 18 -2.74 -1.24 -10.53
C ASP B 18 -2.57 0.24 -10.14
N GLN B 19 -3.54 1.08 -10.49
CA GLN B 19 -3.55 2.51 -10.12
C GLN B 19 -3.87 2.70 -8.63
N GLU B 20 -4.74 1.87 -8.03
CA GLU B 20 -4.95 1.86 -6.58
C GLU B 20 -3.64 1.53 -5.84
N TRP B 21 -2.89 0.53 -6.33
CA TRP B 21 -1.62 0.12 -5.77
C TRP B 21 -0.51 1.18 -5.86
N VAL B 22 -0.54 2.09 -6.85
CA VAL B 22 0.30 3.30 -6.86
C VAL B 22 -0.22 4.36 -5.88
N GLU B 23 -1.52 4.65 -5.92
CA GLU B 23 -2.15 5.70 -5.11
C GLU B 23 -1.99 5.45 -3.60
N LEU B 24 -2.10 4.19 -3.16
CA LEU B 24 -1.81 3.79 -1.78
C LEU B 24 -0.31 3.84 -1.48
N MET B 25 0.57 3.28 -2.34
CA MET B 25 1.96 3.04 -1.94
C MET B 25 2.79 4.32 -1.79
N VAL B 26 2.53 5.33 -2.64
CA VAL B 26 3.26 6.61 -2.60
C VAL B 26 2.91 7.44 -1.34
N GLU B 27 1.65 7.39 -0.89
CA GLU B 27 1.20 8.06 0.33
C GLU B 27 1.51 7.26 1.60
N ALA B 28 1.34 5.93 1.58
CA ALA B 28 1.55 5.04 2.72
C ALA B 28 3.00 5.04 3.23
N LYS B 29 3.99 5.24 2.35
CA LYS B 29 5.40 5.40 2.72
C LYS B 29 5.61 6.66 3.56
N GLU B 30 5.11 7.82 3.11
CA GLU B 30 5.24 9.10 3.80
C GLU B 30 4.38 9.19 5.08
N ALA B 31 3.17 8.60 5.07
CA ALA B 31 2.28 8.51 6.22
C ALA B 31 2.66 7.37 7.20
N ASN B 32 3.60 6.50 6.80
CA ASN B 32 4.09 5.35 7.56
C ASN B 32 2.97 4.37 7.99
N ILE B 33 2.15 3.92 7.03
CA ILE B 33 1.29 2.73 7.20
C ILE B 33 2.18 1.46 7.23
N SER B 34 1.65 0.32 7.66
CA SER B 34 2.37 -0.97 7.72
C SER B 34 2.52 -1.66 6.34
N PRO B 35 3.73 -1.74 5.73
CA PRO B 35 3.96 -2.60 4.57
C PRO B 35 4.06 -4.09 4.95
N GLU B 36 4.38 -4.40 6.20
CA GLU B 36 4.51 -5.78 6.70
C GLU B 36 3.21 -6.57 6.57
N GLU B 37 2.04 -5.91 6.67
CA GLU B 37 0.71 -6.51 6.45
C GLU B 37 0.57 -7.09 5.04
N ILE B 38 1.08 -6.39 4.03
CA ILE B 38 1.08 -6.84 2.63
C ILE B 38 2.18 -7.89 2.43
N ARG B 39 3.39 -7.64 2.97
CA ARG B 39 4.51 -8.59 2.90
C ARG B 39 4.15 -9.98 3.43
N LYS B 40 3.46 -10.08 4.58
CA LYS B 40 3.03 -11.38 5.16
C LYS B 40 1.86 -12.01 4.40
N TYR B 41 0.88 -11.23 3.97
CA TYR B 41 -0.26 -11.69 3.15
C TYR B 41 0.25 -12.28 1.82
N LEU B 42 1.23 -11.64 1.15
CA LEU B 42 1.88 -12.15 -0.06
C LEU B 42 2.49 -13.56 0.08
N LEU B 43 2.99 -13.94 1.26
CA LEU B 43 3.50 -15.30 1.53
C LEU B 43 2.38 -16.34 1.71
N LEU B 44 1.24 -15.95 2.30
CA LEU B 44 0.09 -16.82 2.57
C LEU B 44 -0.90 -16.91 1.39
N ASN B 45 -0.96 -15.89 0.53
CA ASN B 45 -1.89 -15.77 -0.60
C ASN B 45 -1.64 -16.82 -1.69
N LYS B 46 -2.59 -17.74 -1.86
CA LYS B 46 -2.53 -18.85 -2.84
C LYS B 46 -2.91 -18.47 -4.28
N LYS B 47 -3.53 -17.30 -4.51
CA LYS B 47 -4.17 -16.94 -5.80
C LYS B 47 -3.20 -16.84 -6.99
N SER B 48 -1.91 -16.61 -6.74
CA SER B 48 -0.84 -16.60 -7.75
C SER B 48 -0.47 -18.00 -8.27
N ALA B 49 -0.76 -19.08 -7.53
CA ALA B 49 -0.44 -20.46 -7.90
C ALA B 49 -1.45 -21.05 -8.91
N HIS B 50 -1.04 -22.12 -9.60
CA HIS B 50 -1.89 -22.88 -10.53
C HIS B 50 -3.07 -23.58 -9.79
N PRO B 51 -4.23 -23.78 -10.44
CA PRO B 51 -5.40 -24.42 -9.84
C PRO B 51 -5.20 -25.93 -9.59
N GLY B 52 -4.53 -26.62 -10.53
CA GLY B 52 -4.28 -28.05 -10.52
C GLY B 52 -4.40 -28.70 -11.91
N PRO B 53 -4.56 -30.04 -11.99
CA PRO B 53 -4.94 -30.72 -13.23
C PRO B 53 -6.39 -30.39 -13.61
N ALA B 54 -6.57 -29.63 -14.68
CA ALA B 54 -7.89 -29.34 -15.30
C ALA B 54 -8.28 -30.44 -16.32
N ALA B 55 -7.29 -31.01 -17.02
CA ALA B 55 -7.45 -32.19 -17.88
C ALA B 55 -7.61 -33.50 -17.06
N ARG B 56 -7.91 -34.62 -17.74
CA ARG B 56 -7.91 -35.97 -17.12
C ARG B 56 -6.52 -36.40 -16.66
N SER B 57 -5.45 -35.97 -17.35
CA SER B 57 -4.07 -36.24 -16.93
C SER B 57 -3.75 -35.56 -15.59
N HIS B 58 -3.02 -36.25 -14.71
CA HIS B 58 -2.70 -35.79 -13.35
C HIS B 58 -1.66 -34.65 -13.30
N THR B 59 -1.02 -34.30 -14.42
CA THR B 59 -0.11 -33.13 -14.51
C THR B 59 -0.87 -31.80 -14.42
N VAL B 60 -0.33 -30.84 -13.67
CA VAL B 60 -0.92 -29.50 -13.50
C VAL B 60 -0.90 -28.71 -14.83
N ASN B 61 -2.04 -28.13 -15.21
CA ASN B 61 -2.18 -27.37 -16.46
C ASN B 61 -1.69 -25.91 -16.34
N PRO B 62 -1.36 -25.21 -17.45
CA PRO B 62 -0.98 -23.80 -17.46
C PRO B 62 -2.05 -22.87 -16.86
N PHE B 63 -1.59 -21.71 -16.34
CA PHE B 63 -2.41 -20.70 -15.65
C PHE B 63 -1.86 -19.27 -15.87
#